data_1NTS
# 
_entry.id   1NTS 
# 
_audit_conform.dict_name       mmcif_pdbx.dic 
_audit_conform.dict_version    5.391 
_audit_conform.dict_location   http://mmcif.pdb.org/dictionaries/ascii/mmcif_pdbx.dic 
# 
loop_
_database_2.database_id 
_database_2.database_code 
_database_2.pdbx_database_accession 
_database_2.pdbx_DOI 
PDB   1NTS         pdb_00001nts 10.2210/pdb1nts/pdb 
RCSB  RCSB018195   ?            ?                   
WWPDB D_1000018195 ?            ?                   
# 
loop_
_pdbx_audit_revision_history.ordinal 
_pdbx_audit_revision_history.data_content_type 
_pdbx_audit_revision_history.major_revision 
_pdbx_audit_revision_history.minor_revision 
_pdbx_audit_revision_history.revision_date 
1 'Structure model' 1 0 2003-06-10 
2 'Structure model' 1 1 2008-04-29 
3 'Structure model' 1 2 2011-07-13 
4 'Structure model' 2 0 2021-07-28 
5 'Structure model' 2 1 2024-05-01 
# 
_pdbx_audit_revision_details.ordinal             1 
_pdbx_audit_revision_details.revision_ordinal    1 
_pdbx_audit_revision_details.data_content_type   'Structure model' 
_pdbx_audit_revision_details.provider            repository 
_pdbx_audit_revision_details.type                'Initial release' 
_pdbx_audit_revision_details.description         ? 
_pdbx_audit_revision_details.details             ? 
# 
loop_
_pdbx_audit_revision_group.ordinal 
_pdbx_audit_revision_group.revision_ordinal 
_pdbx_audit_revision_group.data_content_type 
_pdbx_audit_revision_group.group 
1  2 'Structure model' 'Version format compliance' 
2  3 'Structure model' 'Version format compliance' 
3  4 'Structure model' 'Atomic model'              
4  4 'Structure model' 'Data collection'           
5  4 'Structure model' 'Derived calculations'      
6  4 'Structure model' 'Non-polymer description'   
7  4 'Structure model' 'Polymer sequence'          
8  4 'Structure model' 'Structure summary'         
9  5 'Structure model' 'Data collection'           
10 5 'Structure model' 'Database references'       
# 
loop_
_pdbx_audit_revision_category.ordinal 
_pdbx_audit_revision_category.revision_ordinal 
_pdbx_audit_revision_category.data_content_type 
_pdbx_audit_revision_category.category 
1  4 'Structure model' atom_site             
2  4 'Structure model' chem_comp             
3  4 'Structure model' entity                
4  4 'Structure model' entity_poly           
5  4 'Structure model' pdbx_nmr_software     
6  4 'Structure model' pdbx_struct_assembly  
7  4 'Structure model' pdbx_struct_oper_list 
8  4 'Structure model' struct_conn           
9  5 'Structure model' chem_comp_atom        
10 5 'Structure model' chem_comp_bond        
11 5 'Structure model' database_2            
# 
loop_
_pdbx_audit_revision_item.ordinal 
_pdbx_audit_revision_item.revision_ordinal 
_pdbx_audit_revision_item.data_content_type 
_pdbx_audit_revision_item.item 
1  4 'Structure model' '_atom_site.Cartn_x'                        
2  4 'Structure model' '_atom_site.Cartn_y'                        
3  4 'Structure model' '_atom_site.Cartn_z'                        
4  4 'Structure model' '_atom_site.auth_atom_id'                   
5  4 'Structure model' '_atom_site.label_atom_id'                  
6  4 'Structure model' '_chem_comp.formula'                        
7  4 'Structure model' '_chem_comp.formula_weight'                 
8  4 'Structure model' '_chem_comp.mon_nstd_flag'                  
9  4 'Structure model' '_entity.formula_weight'                    
10 4 'Structure model' '_entity_poly.pdbx_seq_one_letter_code_can' 
11 4 'Structure model' '_pdbx_nmr_software.name'                   
12 4 'Structure model' '_struct_conn.pdbx_leaving_atom_flag'       
13 5 'Structure model' '_database_2.pdbx_DOI'                      
14 5 'Structure model' '_database_2.pdbx_database_accession'       
# 
_pdbx_database_status.status_code                     REL 
_pdbx_database_status.entry_id                        1NTS 
_pdbx_database_status.recvd_initial_deposition_date   2003-01-30 
_pdbx_database_status.deposit_site                    RCSB 
_pdbx_database_status.process_site                    RCSB 
_pdbx_database_status.status_code_mr                  REL 
_pdbx_database_status.SG_entry                        . 
_pdbx_database_status.pdb_format_compatible           Y 
_pdbx_database_status.status_code_sf                  ? 
_pdbx_database_status.status_code_cs                  ? 
_pdbx_database_status.status_code_nmr_data            ? 
_pdbx_database_status.methods_development_category    ? 
# 
loop_
_pdbx_database_related.db_name 
_pdbx_database_related.db_id 
_pdbx_database_related.details 
_pdbx_database_related.content_type 
PDB 1NTQ 'DNA:RNA hybrid with same sequence'                        unspecified 
PDB 1NTT 'DNA:RNA hybrid with propynylated bases 2-7 in DNA strand' unspecified 
# 
loop_
_audit_author.name 
_audit_author.pdbx_ordinal 
'Znosko, B.M.'     1 
'Barnes III, T.W.' 2 
'Krugh, T.R.'      3 
'Turner, D.H.'     4 
# 
loop_
_citation.id 
_citation.title 
_citation.journal_abbrev 
_citation.journal_volume 
_citation.page_first 
_citation.page_last 
_citation.year 
_citation.journal_id_ASTM 
_citation.country 
_citation.journal_id_ISSN 
_citation.journal_id_CSD 
_citation.book_publisher 
_citation.pdbx_database_id_PubMed 
_citation.pdbx_database_id_DOI 
primary 'NMR Studies of DNA Single Strands and DNA:RNA Hybrids With and Without 1-Propynylation at C5 of Oligopyrimidines' 
J.Am.Chem.Soc. 125 6090 6097 2003 JACSAT US 0002-7863 0004 ? 12785839 10.1021/ja021285d 
1       
'Long-Range Cooperativity in Molecular Recognition of RNA by Oligodeoxynucleotides with Multiple C5-(1-Propynyl) Pyrimidines' 
J.Am.Chem.Soc. 123 4107 4118 2001 JACSAT US 0002-7863 0004 ? ?        10.1021/ja003208t 
# 
loop_
_citation_author.citation_id 
_citation_author.name 
_citation_author.ordinal 
_citation_author.identifier_ORCID 
primary 'Znosko, B.M.'     1 ? 
primary 'Barnes III, T.W.' 2 ? 
primary 'Krugh, T.R.'      3 ? 
primary 'Turner, D.H.'     4 ? 
1       'Barnes III, T.W.' 5 ? 
1       'Turner, D.H.'     6 ? 
# 
loop_
_entity.id 
_entity.type 
_entity.src_method 
_entity.pdbx_description 
_entity.formula_weight 
_entity.pdbx_number_of_molecules 
_entity.pdbx_ec 
_entity.pdbx_mutation 
_entity.pdbx_fragment 
_entity.details 
1 polymer syn "5'-R(*AP*AP*AP*GP*GP*AP*GP*GP*A)-3'"                       2981.895 1 ? ? ? ? 
2 polymer syn "5'-D(*(5PC)P*(5PC)P*(PDU)P*(5PC)P*(5PC)P*(PDU)P*(PDU))-3'" 2248.606 1 ? ? ? ? 
# 
loop_
_entity_poly.entity_id 
_entity_poly.type 
_entity_poly.nstd_linkage 
_entity_poly.nstd_monomer 
_entity_poly.pdbx_seq_one_letter_code 
_entity_poly.pdbx_seq_one_letter_code_can 
_entity_poly.pdbx_strand_id 
_entity_poly.pdbx_target_identifier 
1 polyribonucleotide      no no  AAAGGAGGA                             AAAGGAGGA A ? 
2 polydeoxyribonucleotide no yes '(5PC)(5PC)(PDU)(5PC)(5PC)(PDU)(PDU)' CCXCCXX   B ? 
# 
loop_
_entity_poly_seq.entity_id 
_entity_poly_seq.num 
_entity_poly_seq.mon_id 
_entity_poly_seq.hetero 
1 1 A   n 
1 2 A   n 
1 3 A   n 
1 4 G   n 
1 5 G   n 
1 6 A   n 
1 7 G   n 
1 8 G   n 
1 9 A   n 
2 1 5PC n 
2 2 5PC n 
2 3 PDU n 
2 4 5PC n 
2 5 5PC n 
2 6 PDU n 
2 7 PDU n 
# 
loop_
_chem_comp.id 
_chem_comp.type 
_chem_comp.mon_nstd_flag 
_chem_comp.name 
_chem_comp.pdbx_synonyms 
_chem_comp.formula 
_chem_comp.formula_weight 
5PC 'DNA linking' n "5(1-PROPYNYL)-2'-DEOXYCYTIDINE-5'-MONOPHOSPHATE" ? 'C12 H16 N3 O7 P' 345.245 
A   'RNA linking' y "ADENOSINE-5'-MONOPHOSPHATE"                      ? 'C10 H14 N5 O7 P' 347.221 
G   'RNA linking' y "GUANOSINE-5'-MONOPHOSPHATE"                      ? 'C10 H14 N5 O8 P' 363.221 
PDU 'DNA linking' . "5(1-PROPYNYL)-2'-DEOXYURIDINE-5-MONOPHOSPHATE"   ? 'C12 H15 N2 O8 P' 346.230 
# 
loop_
_pdbx_poly_seq_scheme.asym_id 
_pdbx_poly_seq_scheme.entity_id 
_pdbx_poly_seq_scheme.seq_id 
_pdbx_poly_seq_scheme.mon_id 
_pdbx_poly_seq_scheme.ndb_seq_num 
_pdbx_poly_seq_scheme.pdb_seq_num 
_pdbx_poly_seq_scheme.auth_seq_num 
_pdbx_poly_seq_scheme.pdb_mon_id 
_pdbx_poly_seq_scheme.auth_mon_id 
_pdbx_poly_seq_scheme.pdb_strand_id 
_pdbx_poly_seq_scheme.pdb_ins_code 
_pdbx_poly_seq_scheme.hetero 
A 1 1 A   1 2  2  A   A   A . n 
A 1 2 A   2 3  3  A   A   A . n 
A 1 3 A   3 4  4  A   A   A . n 
A 1 4 G   4 5  5  G   G   A . n 
A 1 5 G   5 6  6  G   G   A . n 
A 1 6 A   6 7  7  A   A   A . n 
A 1 7 G   7 8  8  G   G   A . n 
A 1 8 G   8 9  9  G   G   A . n 
A 1 9 A   9 10 10 A   A   A . n 
B 2 1 5PC 1 1  1  5PC 5PC B . n 
B 2 2 5PC 2 2  2  5PC 5PC B . n 
B 2 3 PDU 3 3  3  PDU PDU B . n 
B 2 4 5PC 4 4  4  5PC 5PC B . n 
B 2 5 5PC 5 5  5  5PC 5PC B . n 
B 2 6 PDU 6 6  6  PDU PDU B . n 
B 2 7 PDU 7 7  7  PDU PDU B . n 
# 
_exptl.entry_id          1NTS 
_exptl.method            'SOLUTION NMR' 
_exptl.crystals_number   ? 
# 
_exptl_crystal.id                    1 
_exptl_crystal.density_meas          ? 
_exptl_crystal.density_Matthews      ? 
_exptl_crystal.density_percent_sol   ? 
_exptl_crystal.description           ? 
# 
_diffrn.id                     1 
_diffrn.ambient_temp           ? 
_diffrn.ambient_temp_details   ? 
_diffrn.crystal_id             1 
# 
_diffrn_radiation.diffrn_id                        1 
_diffrn_radiation.wavelength_id                    1 
_diffrn_radiation.pdbx_monochromatic_or_laue_m_l   M 
_diffrn_radiation.monochromator                    ? 
_diffrn_radiation.pdbx_diffrn_protocol             'SINGLE WAVELENGTH' 
_diffrn_radiation.pdbx_scattering_type             ? 
# 
_diffrn_radiation_wavelength.id           1 
_diffrn_radiation_wavelength.wavelength   . 
_diffrn_radiation_wavelength.wt           1.0 
# 
_struct.entry_id                  1NTS 
_struct.title                     
;5'(dCCPUPCPCPUPUP)3':3'(rAGGAGGAAA)5', where P=propynyl
;
_struct.pdbx_model_details        ? 
_struct.pdbx_CASP_flag            ? 
_struct.pdbx_model_type_details   'minimized average' 
# 
_struct_keywords.entry_id        1NTS 
_struct_keywords.pdbx_keywords   RNA/DNA 
_struct_keywords.text            'DNA, RNA, hybrid, propynyl, RNA-DNA COMPLEX' 
# 
loop_
_struct_asym.id 
_struct_asym.pdbx_blank_PDB_chainid_flag 
_struct_asym.pdbx_modified 
_struct_asym.entity_id 
_struct_asym.details 
A N N 1 ? 
B N N 2 ? 
# 
loop_
_struct_ref.id 
_struct_ref.entity_id 
_struct_ref.db_name 
_struct_ref.db_code 
_struct_ref.pdbx_db_accession 
_struct_ref.pdbx_db_isoform 
_struct_ref.pdbx_seq_one_letter_code 
_struct_ref.pdbx_align_begin 
1 1 PDB 1NTS 1NTS ? ? ? 
2 2 PDB 1NTS 1NTS ? ? ? 
# 
loop_
_struct_ref_seq.align_id 
_struct_ref_seq.ref_id 
_struct_ref_seq.pdbx_PDB_id_code 
_struct_ref_seq.pdbx_strand_id 
_struct_ref_seq.seq_align_beg 
_struct_ref_seq.pdbx_seq_align_beg_ins_code 
_struct_ref_seq.seq_align_end 
_struct_ref_seq.pdbx_seq_align_end_ins_code 
_struct_ref_seq.pdbx_db_accession 
_struct_ref_seq.db_align_beg 
_struct_ref_seq.pdbx_db_align_beg_ins_code 
_struct_ref_seq.db_align_end 
_struct_ref_seq.pdbx_db_align_end_ins_code 
_struct_ref_seq.pdbx_auth_seq_align_beg 
_struct_ref_seq.pdbx_auth_seq_align_end 
1 1 1NTS A 1 ? 9 ? 1NTS 2 ? 10 ? 2 10 
2 2 1NTS B 1 ? 7 ? 1NTS 1 ? 7  ? 1 7  
# 
_pdbx_struct_assembly.id                   1 
_pdbx_struct_assembly.details              author_defined_assembly 
_pdbx_struct_assembly.method_details       ? 
_pdbx_struct_assembly.oligomeric_details   dimeric 
_pdbx_struct_assembly.oligomeric_count     2 
# 
_pdbx_struct_assembly_gen.assembly_id       1 
_pdbx_struct_assembly_gen.oper_expression   1 
_pdbx_struct_assembly_gen.asym_id_list      A,B 
# 
_pdbx_struct_oper_list.id                   1 
_pdbx_struct_oper_list.type                 'identity operation' 
_pdbx_struct_oper_list.name                 1_555 
_pdbx_struct_oper_list.symmetry_operation   ? 
_pdbx_struct_oper_list.matrix[1][1]         1.0000000000 
_pdbx_struct_oper_list.matrix[1][2]         0.0000000000 
_pdbx_struct_oper_list.matrix[1][3]         0.0000000000 
_pdbx_struct_oper_list.vector[1]            0.0000000000 
_pdbx_struct_oper_list.matrix[2][1]         0.0000000000 
_pdbx_struct_oper_list.matrix[2][2]         1.0000000000 
_pdbx_struct_oper_list.matrix[2][3]         0.0000000000 
_pdbx_struct_oper_list.vector[2]            0.0000000000 
_pdbx_struct_oper_list.matrix[3][1]         0.0000000000 
_pdbx_struct_oper_list.matrix[3][2]         0.0000000000 
_pdbx_struct_oper_list.matrix[3][3]         1.0000000000 
_pdbx_struct_oper_list.vector[3]            0.0000000000 
# 
loop_
_struct_conn.id 
_struct_conn.conn_type_id 
_struct_conn.pdbx_leaving_atom_flag 
_struct_conn.pdbx_PDB_id 
_struct_conn.ptnr1_label_asym_id 
_struct_conn.ptnr1_label_comp_id 
_struct_conn.ptnr1_label_seq_id 
_struct_conn.ptnr1_label_atom_id 
_struct_conn.pdbx_ptnr1_label_alt_id 
_struct_conn.pdbx_ptnr1_PDB_ins_code 
_struct_conn.pdbx_ptnr1_standard_comp_id 
_struct_conn.ptnr1_symmetry 
_struct_conn.ptnr2_label_asym_id 
_struct_conn.ptnr2_label_comp_id 
_struct_conn.ptnr2_label_seq_id 
_struct_conn.ptnr2_label_atom_id 
_struct_conn.pdbx_ptnr2_label_alt_id 
_struct_conn.pdbx_ptnr2_PDB_ins_code 
_struct_conn.ptnr1_auth_asym_id 
_struct_conn.ptnr1_auth_comp_id 
_struct_conn.ptnr1_auth_seq_id 
_struct_conn.ptnr2_auth_asym_id 
_struct_conn.ptnr2_auth_comp_id 
_struct_conn.ptnr2_auth_seq_id 
_struct_conn.ptnr2_symmetry 
_struct_conn.pdbx_ptnr3_label_atom_id 
_struct_conn.pdbx_ptnr3_label_seq_id 
_struct_conn.pdbx_ptnr3_label_comp_id 
_struct_conn.pdbx_ptnr3_label_asym_id 
_struct_conn.pdbx_ptnr3_label_alt_id 
_struct_conn.pdbx_ptnr3_PDB_ins_code 
_struct_conn.details 
_struct_conn.pdbx_dist_value 
_struct_conn.pdbx_value_order 
_struct_conn.pdbx_role 
covale1  covale both ? B 5PC 1 "O3'" ? ? ? 1_555 B 5PC 2 P  ? ? B 5PC 1 B 5PC 2 1_555 ? ? ? ? ? ? ?            1.620 ? ? 
covale2  covale both ? B 5PC 2 "O3'" ? ? ? 1_555 B PDU 3 P  ? ? B 5PC 2 B PDU 3 1_555 ? ? ? ? ? ? ?            1.624 ? ? 
covale3  covale one  ? B PDU 3 "O3'" ? ? ? 1_555 B 5PC 4 P  ? ? B PDU 3 B 5PC 4 1_555 ? ? ? ? ? ? ?            1.623 ? ? 
covale4  covale both ? B 5PC 4 "O3'" ? ? ? 1_555 B 5PC 5 P  ? ? B 5PC 4 B 5PC 5 1_555 ? ? ? ? ? ? ?            1.628 ? ? 
covale5  covale both ? B 5PC 5 "O3'" ? ? ? 1_555 B PDU 6 P  ? ? B 5PC 5 B PDU 6 1_555 ? ? ? ? ? ? ?            1.626 ? ? 
covale6  covale one  ? B PDU 6 "O3'" ? ? ? 1_555 B PDU 7 P  ? ? B PDU 6 B PDU 7 1_555 ? ? ? ? ? ? ?            1.625 ? ? 
hydrog1  hydrog ?    ? A A   2 N1    ? ? ? 1_555 B PDU 7 N3 ? ? A A   3 B PDU 7 1_555 ? ? ? ? ? ? WATSON-CRICK ?     ? ? 
hydrog2  hydrog ?    ? A A   2 N6    ? ? ? 1_555 B PDU 7 O4 ? ? A A   3 B PDU 7 1_555 ? ? ? ? ? ? WATSON-CRICK ?     ? ? 
hydrog3  hydrog ?    ? A A   3 N1    ? ? ? 1_555 B PDU 6 N3 ? ? A A   4 B PDU 6 1_555 ? ? ? ? ? ? WATSON-CRICK ?     ? ? 
hydrog4  hydrog ?    ? A A   3 N6    ? ? ? 1_555 B PDU 6 O4 ? ? A A   4 B PDU 6 1_555 ? ? ? ? ? ? WATSON-CRICK ?     ? ? 
hydrog5  hydrog ?    ? A G   4 N1    ? ? ? 1_555 B 5PC 5 N3 ? ? A G   5 B 5PC 5 1_555 ? ? ? ? ? ? WATSON-CRICK ?     ? ? 
hydrog6  hydrog ?    ? A G   4 N2    ? ? ? 1_555 B 5PC 5 O2 ? ? A G   5 B 5PC 5 1_555 ? ? ? ? ? ? WATSON-CRICK ?     ? ? 
hydrog7  hydrog ?    ? A G   4 O6    ? ? ? 1_555 B 5PC 5 N4 ? ? A G   5 B 5PC 5 1_555 ? ? ? ? ? ? WATSON-CRICK ?     ? ? 
hydrog8  hydrog ?    ? A G   5 N1    ? ? ? 1_555 B 5PC 4 N3 ? ? A G   6 B 5PC 4 1_555 ? ? ? ? ? ? WATSON-CRICK ?     ? ? 
hydrog9  hydrog ?    ? A G   5 N2    ? ? ? 1_555 B 5PC 4 O2 ? ? A G   6 B 5PC 4 1_555 ? ? ? ? ? ? WATSON-CRICK ?     ? ? 
hydrog10 hydrog ?    ? A G   5 O6    ? ? ? 1_555 B 5PC 4 N4 ? ? A G   6 B 5PC 4 1_555 ? ? ? ? ? ? WATSON-CRICK ?     ? ? 
hydrog11 hydrog ?    ? A A   6 N1    ? ? ? 1_555 B PDU 3 N3 ? ? A A   7 B PDU 3 1_555 ? ? ? ? ? ? WATSON-CRICK ?     ? ? 
hydrog12 hydrog ?    ? A A   6 N6    ? ? ? 1_555 B PDU 3 O4 ? ? A A   7 B PDU 3 1_555 ? ? ? ? ? ? WATSON-CRICK ?     ? ? 
hydrog13 hydrog ?    ? A G   7 N1    ? ? ? 1_555 B 5PC 2 N3 ? ? A G   8 B 5PC 2 1_555 ? ? ? ? ? ? WATSON-CRICK ?     ? ? 
hydrog14 hydrog ?    ? A G   7 N2    ? ? ? 1_555 B 5PC 2 O2 ? ? A G   8 B 5PC 2 1_555 ? ? ? ? ? ? WATSON-CRICK ?     ? ? 
hydrog15 hydrog ?    ? A G   7 O6    ? ? ? 1_555 B 5PC 2 N4 ? ? A G   8 B 5PC 2 1_555 ? ? ? ? ? ? WATSON-CRICK ?     ? ? 
hydrog16 hydrog ?    ? A G   8 N1    ? ? ? 1_555 B 5PC 1 N3 ? ? A G   9 B 5PC 1 1_555 ? ? ? ? ? ? WATSON-CRICK ?     ? ? 
hydrog17 hydrog ?    ? A G   8 N2    ? ? ? 1_555 B 5PC 1 O2 ? ? A G   9 B 5PC 1 1_555 ? ? ? ? ? ? WATSON-CRICK ?     ? ? 
hydrog18 hydrog ?    ? A G   8 O6    ? ? ? 1_555 B 5PC 1 N4 ? ? A G   9 B 5PC 1 1_555 ? ? ? ? ? ? WATSON-CRICK ?     ? ? 
# 
loop_
_struct_conn_type.id 
_struct_conn_type.criteria 
_struct_conn_type.reference 
covale ? ? 
hydrog ? ? 
# 
loop_
_pdbx_validate_rmsd_bond.id 
_pdbx_validate_rmsd_bond.PDB_model_num 
_pdbx_validate_rmsd_bond.auth_atom_id_1 
_pdbx_validate_rmsd_bond.auth_asym_id_1 
_pdbx_validate_rmsd_bond.auth_comp_id_1 
_pdbx_validate_rmsd_bond.auth_seq_id_1 
_pdbx_validate_rmsd_bond.PDB_ins_code_1 
_pdbx_validate_rmsd_bond.label_alt_id_1 
_pdbx_validate_rmsd_bond.auth_atom_id_2 
_pdbx_validate_rmsd_bond.auth_asym_id_2 
_pdbx_validate_rmsd_bond.auth_comp_id_2 
_pdbx_validate_rmsd_bond.auth_seq_id_2 
_pdbx_validate_rmsd_bond.PDB_ins_code_2 
_pdbx_validate_rmsd_bond.label_alt_id_2 
_pdbx_validate_rmsd_bond.bond_value 
_pdbx_validate_rmsd_bond.bond_target_value 
_pdbx_validate_rmsd_bond.bond_deviation 
_pdbx_validate_rmsd_bond.bond_standard_deviation 
_pdbx_validate_rmsd_bond.linker_flag 
1  1 N3 A A 2  ? ? C4 A A 2  ? ? 1.465 1.344 0.121 0.006 N 
2  1 C4 A A 2  ? ? C5 A A 2  ? ? 1.461 1.383 0.078 0.007 N 
3  1 N7 A A 2  ? ? C8 A A 2  ? ? 1.378 1.311 0.067 0.007 N 
4  1 N3 A A 3  ? ? C4 A A 3  ? ? 1.464 1.344 0.120 0.006 N 
5  1 C4 A A 3  ? ? C5 A A 3  ? ? 1.459 1.383 0.076 0.007 N 
6  1 N7 A A 3  ? ? C8 A A 3  ? ? 1.378 1.311 0.067 0.007 N 
7  1 N3 A A 4  ? ? C4 A A 4  ? ? 1.466 1.344 0.122 0.006 N 
8  1 C4 A A 4  ? ? C5 A A 4  ? ? 1.459 1.383 0.076 0.007 N 
9  1 N7 A A 4  ? ? C8 A A 4  ? ? 1.378 1.311 0.067 0.007 N 
10 1 N1 A G 5  ? ? C2 A G 5  ? ? 1.466 1.373 0.093 0.008 N 
11 1 N3 A G 5  ? ? C4 A G 5  ? ? 1.446 1.350 0.096 0.007 N 
12 1 C4 A G 5  ? ? C5 A G 5  ? ? 1.436 1.379 0.057 0.007 N 
13 1 C5 A G 5  ? ? C6 A G 5  ? ? 1.552 1.419 0.133 0.010 N 
14 1 N7 A G 5  ? ? C8 A G 5  ? ? 1.377 1.305 0.072 0.006 N 
15 1 N1 A G 6  ? ? C2 A G 6  ? ? 1.466 1.373 0.093 0.008 N 
16 1 N3 A G 6  ? ? C4 A G 6  ? ? 1.445 1.350 0.095 0.007 N 
17 1 C4 A G 6  ? ? C5 A G 6  ? ? 1.436 1.379 0.057 0.007 N 
18 1 C5 A G 6  ? ? C6 A G 6  ? ? 1.551 1.419 0.132 0.010 N 
19 1 N7 A G 6  ? ? C8 A G 6  ? ? 1.376 1.305 0.071 0.006 N 
20 1 N3 A A 7  ? ? C4 A A 7  ? ? 1.466 1.344 0.122 0.006 N 
21 1 C4 A A 7  ? ? C5 A A 7  ? ? 1.459 1.383 0.076 0.007 N 
22 1 N7 A A 7  ? ? C8 A A 7  ? ? 1.378 1.311 0.067 0.007 N 
23 1 N1 A G 8  ? ? C2 A G 8  ? ? 1.466 1.373 0.093 0.008 N 
24 1 N3 A G 8  ? ? C4 A G 8  ? ? 1.447 1.350 0.097 0.007 N 
25 1 C4 A G 8  ? ? C5 A G 8  ? ? 1.436 1.379 0.057 0.007 N 
26 1 C5 A G 8  ? ? C6 A G 8  ? ? 1.550 1.419 0.131 0.010 N 
27 1 N7 A G 8  ? ? C8 A G 8  ? ? 1.377 1.305 0.072 0.006 N 
28 1 N1 A G 9  ? ? C2 A G 9  ? ? 1.466 1.373 0.093 0.008 N 
29 1 N3 A G 9  ? ? C4 A G 9  ? ? 1.446 1.350 0.096 0.007 N 
30 1 C4 A G 9  ? ? C5 A G 9  ? ? 1.434 1.379 0.055 0.007 N 
31 1 C5 A G 9  ? ? C6 A G 9  ? ? 1.549 1.419 0.130 0.010 N 
32 1 N7 A G 9  ? ? C8 A G 9  ? ? 1.376 1.305 0.071 0.006 N 
33 1 N3 A A 10 ? ? C4 A A 10 ? ? 1.466 1.344 0.122 0.006 N 
34 1 C4 A A 10 ? ? C5 A A 10 ? ? 1.459 1.383 0.076 0.007 N 
35 1 N7 A A 10 ? ? C8 A A 10 ? ? 1.378 1.311 0.067 0.007 N 
# 
loop_
_pdbx_validate_rmsd_angle.id 
_pdbx_validate_rmsd_angle.PDB_model_num 
_pdbx_validate_rmsd_angle.auth_atom_id_1 
_pdbx_validate_rmsd_angle.auth_asym_id_1 
_pdbx_validate_rmsd_angle.auth_comp_id_1 
_pdbx_validate_rmsd_angle.auth_seq_id_1 
_pdbx_validate_rmsd_angle.PDB_ins_code_1 
_pdbx_validate_rmsd_angle.label_alt_id_1 
_pdbx_validate_rmsd_angle.auth_atom_id_2 
_pdbx_validate_rmsd_angle.auth_asym_id_2 
_pdbx_validate_rmsd_angle.auth_comp_id_2 
_pdbx_validate_rmsd_angle.auth_seq_id_2 
_pdbx_validate_rmsd_angle.PDB_ins_code_2 
_pdbx_validate_rmsd_angle.label_alt_id_2 
_pdbx_validate_rmsd_angle.auth_atom_id_3 
_pdbx_validate_rmsd_angle.auth_asym_id_3 
_pdbx_validate_rmsd_angle.auth_comp_id_3 
_pdbx_validate_rmsd_angle.auth_seq_id_3 
_pdbx_validate_rmsd_angle.PDB_ins_code_3 
_pdbx_validate_rmsd_angle.label_alt_id_3 
_pdbx_validate_rmsd_angle.angle_value 
_pdbx_validate_rmsd_angle.angle_target_value 
_pdbx_validate_rmsd_angle.angle_deviation 
_pdbx_validate_rmsd_angle.angle_standard_deviation 
_pdbx_validate_rmsd_angle.linker_flag 
1  1 C2  A A 2  ? ? N3 A A 2  ? ? C4  A A 2  ? ? 115.80 110.60 5.20   0.50 N 
2  1 N3  A A 2  ? ? C4 A A 2  ? ? C5  A A 2  ? ? 117.38 126.80 -9.42  0.70 N 
3  1 C5  A A 2  ? ? N7 A A 2  ? ? C8  A A 2  ? ? 97.50  103.90 -6.40  0.50 N 
4  1 N7  A A 2  ? ? C8 A A 2  ? ? N9  A A 2  ? ? 122.39 113.80 8.59   0.50 N 
5  1 C8  A A 2  ? ? N9 A A 2  ? ? C4  A A 2  ? ? 99.39  105.80 -6.41  0.40 N 
6  1 N3  A A 2  ? ? C4 A A 2  ? ? N9  A A 2  ? ? 134.43 127.40 7.03   0.80 N 
7  1 OP1 A A 3  ? ? P  A A 3  ? ? OP2 A A 3  ? ? 109.96 119.60 -9.64  1.50 N 
8  1 C2  A A 3  ? ? N3 A A 3  ? ? C4  A A 3  ? ? 115.59 110.60 4.99   0.50 N 
9  1 N3  A A 3  ? ? C4 A A 3  ? ? C5  A A 3  ? ? 117.72 126.80 -9.08  0.70 N 
10 1 C5  A A 3  ? ? N7 A A 3  ? ? C8  A A 3  ? ? 97.37  103.90 -6.53  0.50 N 
11 1 N7  A A 3  ? ? C8 A A 3  ? ? N9  A A 3  ? ? 122.21 113.80 8.41   0.50 N 
12 1 C8  A A 3  ? ? N9 A A 3  ? ? C4  A A 3  ? ? 99.75  105.80 -6.05  0.40 N 
13 1 N3  A A 3  ? ? C4 A A 3  ? ? N9  A A 3  ? ? 134.20 127.40 6.80   0.80 N 
14 1 OP1 A A 4  ? ? P  A A 4  ? ? OP2 A A 4  ? ? 109.49 119.60 -10.11 1.50 N 
15 1 C2  A A 4  ? ? N3 A A 4  ? ? C4  A A 4  ? ? 115.76 110.60 5.16   0.50 N 
16 1 N3  A A 4  ? ? C4 A A 4  ? ? C5  A A 4  ? ? 117.51 126.80 -9.29  0.70 N 
17 1 C5  A A 4  ? ? N7 A A 4  ? ? C8  A A 4  ? ? 97.52  103.90 -6.38  0.50 N 
18 1 N7  A A 4  ? ? C8 A A 4  ? ? N9  A A 4  ? ? 122.17 113.80 8.37   0.50 N 
19 1 C8  A A 4  ? ? N9 A A 4  ? ? C4  A A 4  ? ? 99.66  105.80 -6.14  0.40 N 
20 1 N3  A A 4  ? ? C4 A A 4  ? ? N9  A A 4  ? ? 134.40 127.40 7.00   0.80 N 
21 1 OP1 A G 5  ? ? P  A G 5  ? ? OP2 A G 5  ? ? 109.60 119.60 -10.00 1.50 N 
22 1 C2  A G 5  ? ? N3 A G 5  ? ? C4  A G 5  ? ? 123.10 111.90 11.20  0.50 N 
23 1 N3  A G 5  ? ? C4 A G 5  ? ? C5  A G 5  ? ? 117.72 128.60 -10.88 0.50 N 
24 1 C5  A G 5  ? ? C6 A G 5  ? ? N1  A G 5  ? ? 115.10 111.50 3.60   0.50 N 
25 1 C4  A G 5  ? ? C5 A G 5  ? ? N7  A G 5  ? ? 113.31 110.80 2.51   0.40 N 
26 1 C5  A G 5  ? ? N7 A G 5  ? ? C8  A G 5  ? ? 97.19  104.30 -7.11  0.50 N 
27 1 N7  A G 5  ? ? C8 A G 5  ? ? N9  A G 5  ? ? 121.78 113.10 8.68   0.50 N 
28 1 C8  A G 5  ? ? N9 A G 5  ? ? C4  A G 5  ? ? 99.54  106.40 -6.86  0.40 N 
29 1 N9  A G 5  ? ? C4 A G 5  ? ? C5  A G 5  ? ? 108.18 105.40 2.78   0.40 N 
30 1 N3  A G 5  ? ? C4 A G 5  ? ? N9  A G 5  ? ? 134.10 126.00 8.10   0.60 N 
31 1 C5  A G 5  ? ? C6 A G 5  ? ? O6  A G 5  ? ? 123.86 128.60 -4.74  0.60 N 
32 1 OP1 A G 6  ? ? P  A G 6  ? ? OP2 A G 6  ? ? 109.52 119.60 -10.08 1.50 N 
33 1 C2  A G 6  ? ? N3 A G 6  ? ? C4  A G 6  ? ? 123.15 111.90 11.25  0.50 N 
34 1 N3  A G 6  ? ? C4 A G 6  ? ? C5  A G 6  ? ? 117.74 128.60 -10.86 0.50 N 
35 1 C5  A G 6  ? ? C6 A G 6  ? ? N1  A G 6  ? ? 115.12 111.50 3.62   0.50 N 
36 1 C4  A G 6  ? ? C5 A G 6  ? ? N7  A G 6  ? ? 113.33 110.80 2.53   0.40 N 
37 1 C5  A G 6  ? ? N7 A G 6  ? ? C8  A G 6  ? ? 97.17  104.30 -7.13  0.50 N 
38 1 N7  A G 6  ? ? C8 A G 6  ? ? N9  A G 6  ? ? 121.80 113.10 8.70   0.50 N 
39 1 C8  A G 6  ? ? N9 A G 6  ? ? C4  A G 6  ? ? 99.49  106.40 -6.91  0.40 N 
40 1 N9  A G 6  ? ? C4 A G 6  ? ? C5  A G 6  ? ? 108.17 105.40 2.77   0.40 N 
41 1 N3  A G 6  ? ? C4 A G 6  ? ? N9  A G 6  ? ? 134.08 126.00 8.08   0.60 N 
42 1 C5  A G 6  ? ? C6 A G 6  ? ? O6  A G 6  ? ? 123.69 128.60 -4.91  0.60 N 
43 1 OP1 A A 7  ? ? P  A A 7  ? ? OP2 A A 7  ? ? 109.50 119.60 -10.10 1.50 N 
44 1 C2  A A 7  ? ? N3 A A 7  ? ? C4  A A 7  ? ? 115.72 110.60 5.12   0.50 N 
45 1 N3  A A 7  ? ? C4 A A 7  ? ? C5  A A 7  ? ? 117.51 126.80 -9.29  0.70 N 
46 1 C5  A A 7  ? ? N7 A A 7  ? ? C8  A A 7  ? ? 97.47  103.90 -6.43  0.50 N 
47 1 N7  A A 7  ? ? C8 A A 7  ? ? N9  A A 7  ? ? 122.23 113.80 8.43   0.50 N 
48 1 C8  A A 7  ? ? N9 A A 7  ? ? C4  A A 7  ? ? 99.62  105.80 -6.18  0.40 N 
49 1 N3  A A 7  ? ? C4 A A 7  ? ? N9  A A 7  ? ? 134.36 127.40 6.96   0.80 N 
50 1 OP1 A G 8  ? ? P  A G 8  ? ? OP2 A G 8  ? ? 109.51 119.60 -10.09 1.50 N 
51 1 C2  A G 8  ? ? N3 A G 8  ? ? C4  A G 8  ? ? 123.04 111.90 11.14  0.50 N 
52 1 N3  A G 8  ? ? C4 A G 8  ? ? C5  A G 8  ? ? 117.78 128.60 -10.82 0.50 N 
53 1 C5  A G 8  ? ? C6 A G 8  ? ? N1  A G 8  ? ? 115.16 111.50 3.66   0.50 N 
54 1 C4  A G 8  ? ? C5 A G 8  ? ? N7  A G 8  ? ? 113.40 110.80 2.60   0.40 N 
55 1 C5  A G 8  ? ? N7 A G 8  ? ? C8  A G 8  ? ? 97.11  104.30 -7.19  0.50 N 
56 1 N7  A G 8  ? ? C8 A G 8  ? ? N9  A G 8  ? ? 121.80 113.10 8.70   0.50 N 
57 1 C8  A G 8  ? ? N9 A G 8  ? ? C4  A G 8  ? ? 99.52  106.40 -6.88  0.40 N 
58 1 N9  A G 8  ? ? C4 A G 8  ? ? C5  A G 8  ? ? 108.14 105.40 2.74   0.40 N 
59 1 N3  A G 8  ? ? C4 A G 8  ? ? N9  A G 8  ? ? 134.05 126.00 8.05   0.60 N 
60 1 C5  A G 8  ? ? C6 A G 8  ? ? O6  A G 8  ? ? 123.69 128.60 -4.91  0.60 N 
61 1 OP1 A G 9  ? ? P  A G 9  ? ? OP2 A G 9  ? ? 109.44 119.60 -10.16 1.50 N 
62 1 C2  A G 9  ? ? N3 A G 9  ? ? C4  A G 9  ? ? 123.03 111.90 11.13  0.50 N 
63 1 N3  A G 9  ? ? C4 A G 9  ? ? C5  A G 9  ? ? 117.79 128.60 -10.81 0.50 N 
64 1 C5  A G 9  ? ? C6 A G 9  ? ? N1  A G 9  ? ? 115.27 111.50 3.77   0.50 N 
65 1 C4  A G 9  ? ? C5 A G 9  ? ? N7  A G 9  ? ? 113.42 110.80 2.62   0.40 N 
66 1 C5  A G 9  ? ? N7 A G 9  ? ? C8  A G 9  ? ? 97.07  104.30 -7.23  0.50 N 
67 1 N7  A G 9  ? ? C8 A G 9  ? ? N9  A G 9  ? ? 121.79 113.10 8.69   0.50 N 
68 1 C8  A G 9  ? ? N9 A G 9  ? ? C4  A G 9  ? ? 99.51  106.40 -6.89  0.40 N 
69 1 N9  A G 9  ? ? C4 A G 9  ? ? C5  A G 9  ? ? 108.17 105.40 2.77   0.40 N 
70 1 N3  A G 9  ? ? C4 A G 9  ? ? N9  A G 9  ? ? 134.03 126.00 8.03   0.60 N 
71 1 C5  A G 9  ? ? C6 A G 9  ? ? O6  A G 9  ? ? 123.71 128.60 -4.89  0.60 N 
72 1 OP1 A A 10 ? ? P  A A 10 ? ? OP2 A A 10 ? ? 109.47 119.60 -10.13 1.50 N 
73 1 C2  A A 10 ? ? N3 A A 10 ? ? C4  A A 10 ? ? 115.73 110.60 5.13   0.50 N 
74 1 N3  A A 10 ? ? C4 A A 10 ? ? C5  A A 10 ? ? 117.49 126.80 -9.31  0.70 N 
75 1 C5  A A 10 ? ? N7 A A 10 ? ? C8  A A 10 ? ? 97.60  103.90 -6.30  0.50 N 
76 1 N7  A A 10 ? ? C8 A A 10 ? ? N9  A A 10 ? ? 122.05 113.80 8.25   0.50 N 
77 1 C8  A A 10 ? ? N9 A A 10 ? ? C4  A A 10 ? ? 99.70  105.80 -6.10  0.40 N 
78 1 N3  A A 10 ? ? C4 A A 10 ? ? N9  A A 10 ? ? 134.32 127.40 6.92   0.80 N 
# 
_pdbx_validate_planes.id              1 
_pdbx_validate_planes.PDB_model_num   1 
_pdbx_validate_planes.auth_comp_id    A 
_pdbx_validate_planes.auth_asym_id    A 
_pdbx_validate_planes.auth_seq_id     2 
_pdbx_validate_planes.PDB_ins_code    ? 
_pdbx_validate_planes.label_alt_id    ? 
_pdbx_validate_planes.rmsd            0.071 
_pdbx_validate_planes.type            'SIDE CHAIN' 
# 
loop_
_pdbx_struct_mod_residue.id 
_pdbx_struct_mod_residue.label_asym_id 
_pdbx_struct_mod_residue.label_comp_id 
_pdbx_struct_mod_residue.label_seq_id 
_pdbx_struct_mod_residue.auth_asym_id 
_pdbx_struct_mod_residue.auth_comp_id 
_pdbx_struct_mod_residue.auth_seq_id 
_pdbx_struct_mod_residue.PDB_ins_code 
_pdbx_struct_mod_residue.parent_comp_id 
_pdbx_struct_mod_residue.details 
1 B 5PC 1 B 5PC 1 ? DC ? 
2 B 5PC 2 B 5PC 2 ? DC ? 
3 B PDU 3 B PDU 3 ? DU ? 
4 B 5PC 4 B 5PC 4 ? DC ? 
5 B 5PC 5 B 5PC 5 ? DC ? 
6 B PDU 6 B PDU 6 ? DU ? 
7 B PDU 7 B PDU 7 ? DU ? 
# 
_pdbx_nmr_ensemble.entry_id                             1NTS 
_pdbx_nmr_ensemble.conformers_calculated_total_number   ? 
_pdbx_nmr_ensemble.conformers_submitted_total_number    1 
_pdbx_nmr_ensemble.conformer_selection_criteria         ? 
# 
_pdbx_nmr_representative.entry_id             1NTS 
_pdbx_nmr_representative.conformer_id         1 
_pdbx_nmr_representative.selection_criteria   'minimized average structure' 
# 
loop_
_pdbx_nmr_sample_details.solution_id 
_pdbx_nmr_sample_details.contents 
_pdbx_nmr_sample_details.solvent_system 
1 '~1mM hybrid, 80 mM NaCl, 10 mM phosphate buffer, 0.5 mM EDTA, 90% H2O, 10% D2O' '90% H2O/10% D2O' 
2 '~2.5 mM hybrid, 80 mM NaCl, 10 mM phosphate, 0.5 mM EDTA, 99.996% D2O'          '99.996% D2O'     
# 
loop_
_pdbx_nmr_exptl_sample_conditions.conditions_id 
_pdbx_nmr_exptl_sample_conditions.temperature 
_pdbx_nmr_exptl_sample_conditions.pressure 
_pdbx_nmr_exptl_sample_conditions.pH 
_pdbx_nmr_exptl_sample_conditions.ionic_strength 
_pdbx_nmr_exptl_sample_conditions.pressure_units 
_pdbx_nmr_exptl_sample_conditions.temperature_units 
1 273 ambient 7.0 '80 mM NaCl' ? K 
2 303 ambient 7.0 '80 mM NaCl' ? K 
# 
_pdbx_nmr_exptl.experiment_id   1 
_pdbx_nmr_exptl.solution_id     2 
_pdbx_nmr_exptl.conditions_id   2 
_pdbx_nmr_exptl.type            '2D NOESY' 
# 
_pdbx_nmr_refine.entry_id           1NTS 
_pdbx_nmr_refine.method             'simulated annealing, energy minimization' 
_pdbx_nmr_refine.details            
;The structure is based on a total of 149 interproton distance restraints, 18 hydrogen bond restraints, and 59 dihedral angle restraints.
;
_pdbx_nmr_refine.software_ordinal   1 
# 
loop_
_pdbx_nmr_software.name 
_pdbx_nmr_software.version 
_pdbx_nmr_software.classification 
_pdbx_nmr_software.authors 
_pdbx_nmr_software.ordinal 
VNMR     5.2  collection           Varian 1 
Felix    2000 'data analysis'      MSI    2 
Discover 95.0 'structure solution' MSI    3 
Discover 95.0 refinement           MSI    4 
# 
loop_
_chem_comp_atom.comp_id 
_chem_comp_atom.atom_id 
_chem_comp_atom.type_symbol 
_chem_comp_atom.pdbx_aromatic_flag 
_chem_comp_atom.pdbx_stereo_config 
_chem_comp_atom.pdbx_ordinal 
5PC OP3    O N N 1   
5PC P      P N N 2   
5PC OP1    O N N 3   
5PC OP2    O N N 4   
5PC "C5'"  C N N 5   
5PC "O5'"  O N N 6   
5PC "C4'"  C N R 7   
5PC "O4'"  O N N 8   
5PC "C3'"  C N S 9   
5PC "O3'"  O N N 10  
5PC "C2'"  C N N 11  
5PC "C1'"  C N R 12  
5PC N1     N N N 13  
5PC C2     C N N 14  
5PC O2     O N N 15  
5PC N3     N N N 16  
5PC C4     C N N 17  
5PC N4     N N N 18  
5PC C5     C N N 19  
5PC C6     C N N 20  
5PC C7     C N N 21  
5PC C8     C N N 22  
5PC C9     C N N 23  
5PC HOP3   H N N 24  
5PC HOP2   H N N 25  
5PC "H5'"  H N N 26  
5PC "H5''" H N N 27  
5PC "H4'"  H N N 28  
5PC "H3'"  H N N 29  
5PC "HO3'" H N N 30  
5PC "H2'"  H N N 31  
5PC "H2''" H N N 32  
5PC "H1'"  H N N 33  
5PC H41    H N N 34  
5PC H42    H N N 35  
5PC H6     H N N 36  
5PC H91    H N N 37  
5PC H92    H N N 38  
5PC H93    H N N 39  
A   OP3    O N N 40  
A   P      P N N 41  
A   OP1    O N N 42  
A   OP2    O N N 43  
A   "O5'"  O N N 44  
A   "C5'"  C N N 45  
A   "C4'"  C N R 46  
A   "O4'"  O N N 47  
A   "C3'"  C N S 48  
A   "O3'"  O N N 49  
A   "C2'"  C N R 50  
A   "O2'"  O N N 51  
A   "C1'"  C N R 52  
A   N9     N Y N 53  
A   C8     C Y N 54  
A   N7     N Y N 55  
A   C5     C Y N 56  
A   C6     C Y N 57  
A   N6     N N N 58  
A   N1     N Y N 59  
A   C2     C Y N 60  
A   N3     N Y N 61  
A   C4     C Y N 62  
A   HOP3   H N N 63  
A   HOP2   H N N 64  
A   "H5'"  H N N 65  
A   "H5''" H N N 66  
A   "H4'"  H N N 67  
A   "H3'"  H N N 68  
A   "HO3'" H N N 69  
A   "H2'"  H N N 70  
A   "HO2'" H N N 71  
A   "H1'"  H N N 72  
A   H8     H N N 73  
A   H61    H N N 74  
A   H62    H N N 75  
A   H2     H N N 76  
G   OP3    O N N 77  
G   P      P N N 78  
G   OP1    O N N 79  
G   OP2    O N N 80  
G   "O5'"  O N N 81  
G   "C5'"  C N N 82  
G   "C4'"  C N R 83  
G   "O4'"  O N N 84  
G   "C3'"  C N S 85  
G   "O3'"  O N N 86  
G   "C2'"  C N R 87  
G   "O2'"  O N N 88  
G   "C1'"  C N R 89  
G   N9     N Y N 90  
G   C8     C Y N 91  
G   N7     N Y N 92  
G   C5     C Y N 93  
G   C6     C N N 94  
G   O6     O N N 95  
G   N1     N N N 96  
G   C2     C N N 97  
G   N2     N N N 98  
G   N3     N N N 99  
G   C4     C Y N 100 
G   HOP3   H N N 101 
G   HOP2   H N N 102 
G   "H5'"  H N N 103 
G   "H5''" H N N 104 
G   "H4'"  H N N 105 
G   "H3'"  H N N 106 
G   "HO3'" H N N 107 
G   "H2'"  H N N 108 
G   "HO2'" H N N 109 
G   "H1'"  H N N 110 
G   H8     H N N 111 
G   H1     H N N 112 
G   H21    H N N 113 
G   H22    H N N 114 
PDU P      P N N 115 
PDU OP2    O N N 116 
PDU OP1    O N N 117 
PDU "O5'"  O N N 118 
PDU "C5'"  C N N 119 
PDU "C4'"  C N R 120 
PDU "O4'"  O N N 121 
PDU "C3'"  C N S 122 
PDU "O3'"  O N N 123 
PDU "C2'"  C N N 124 
PDU "C1'"  C N R 125 
PDU N1     N N N 126 
PDU C2     C N N 127 
PDU O2     O N N 128 
PDU N3     N N N 129 
PDU C4     C N N 130 
PDU O4     O N N 131 
PDU C5     C N N 132 
PDU C5A    C N N 133 
PDU C5B    C N N 134 
PDU C5M    C N N 135 
PDU C6     C N N 136 
PDU OP3    O N N 137 
PDU HOP2   H N N 138 
PDU "H5'"  H N N 139 
PDU "H5''" H N N 140 
PDU "H4'"  H N N 141 
PDU "H3'"  H N N 142 
PDU H2     H N N 143 
PDU "H2''" H N N 144 
PDU "H2'"  H N N 145 
PDU "H1'"  H N N 146 
PDU H3     H N N 147 
PDU H71    H N N 148 
PDU H72    H N N 149 
PDU H73    H N N 150 
PDU H6     H N N 151 
PDU HOP3   H N N 152 
# 
loop_
_chem_comp_bond.comp_id 
_chem_comp_bond.atom_id_1 
_chem_comp_bond.atom_id_2 
_chem_comp_bond.value_order 
_chem_comp_bond.pdbx_aromatic_flag 
_chem_comp_bond.pdbx_stereo_config 
_chem_comp_bond.pdbx_ordinal 
5PC OP3   P      sing N N 1   
5PC OP3   HOP3   sing N N 2   
5PC P     OP1    doub N N 3   
5PC P     OP2    sing N N 4   
5PC P     "O5'"  sing N N 5   
5PC OP2   HOP2   sing N N 6   
5PC "C5'" "O5'"  sing N N 7   
5PC "C5'" "C4'"  sing N N 8   
5PC "C5'" "H5'"  sing N N 9   
5PC "C5'" "H5''" sing N N 10  
5PC "C4'" "O4'"  sing N N 11  
5PC "C4'" "C3'"  sing N N 12  
5PC "C4'" "H4'"  sing N N 13  
5PC "O4'" "C1'"  sing N N 14  
5PC "C3'" "O3'"  sing N N 15  
5PC "C3'" "C2'"  sing N N 16  
5PC "C3'" "H3'"  sing N N 17  
5PC "O3'" "HO3'" sing N N 18  
5PC "C2'" "C1'"  sing N N 19  
5PC "C2'" "H2'"  sing N N 20  
5PC "C2'" "H2''" sing N N 21  
5PC "C1'" N1     sing N N 22  
5PC "C1'" "H1'"  sing N N 23  
5PC N1    C2     sing N N 24  
5PC N1    C6     sing N N 25  
5PC C2    O2     doub N N 26  
5PC C2    N3     sing N N 27  
5PC N3    C4     doub N N 28  
5PC C4    N4     sing N N 29  
5PC C4    C5     sing N N 30  
5PC N4    H41    sing N N 31  
5PC N4    H42    sing N N 32  
5PC C5    C6     doub N N 33  
5PC C5    C7     sing N N 34  
5PC C6    H6     sing N N 35  
5PC C7    C8     trip N N 36  
5PC C8    C9     sing N N 37  
5PC C9    H91    sing N N 38  
5PC C9    H92    sing N N 39  
5PC C9    H93    sing N N 40  
A   OP3   P      sing N N 41  
A   OP3   HOP3   sing N N 42  
A   P     OP1    doub N N 43  
A   P     OP2    sing N N 44  
A   P     "O5'"  sing N N 45  
A   OP2   HOP2   sing N N 46  
A   "O5'" "C5'"  sing N N 47  
A   "C5'" "C4'"  sing N N 48  
A   "C5'" "H5'"  sing N N 49  
A   "C5'" "H5''" sing N N 50  
A   "C4'" "O4'"  sing N N 51  
A   "C4'" "C3'"  sing N N 52  
A   "C4'" "H4'"  sing N N 53  
A   "O4'" "C1'"  sing N N 54  
A   "C3'" "O3'"  sing N N 55  
A   "C3'" "C2'"  sing N N 56  
A   "C3'" "H3'"  sing N N 57  
A   "O3'" "HO3'" sing N N 58  
A   "C2'" "O2'"  sing N N 59  
A   "C2'" "C1'"  sing N N 60  
A   "C2'" "H2'"  sing N N 61  
A   "O2'" "HO2'" sing N N 62  
A   "C1'" N9     sing N N 63  
A   "C1'" "H1'"  sing N N 64  
A   N9    C8     sing Y N 65  
A   N9    C4     sing Y N 66  
A   C8    N7     doub Y N 67  
A   C8    H8     sing N N 68  
A   N7    C5     sing Y N 69  
A   C5    C6     sing Y N 70  
A   C5    C4     doub Y N 71  
A   C6    N6     sing N N 72  
A   C6    N1     doub Y N 73  
A   N6    H61    sing N N 74  
A   N6    H62    sing N N 75  
A   N1    C2     sing Y N 76  
A   C2    N3     doub Y N 77  
A   C2    H2     sing N N 78  
A   N3    C4     sing Y N 79  
G   OP3   P      sing N N 80  
G   OP3   HOP3   sing N N 81  
G   P     OP1    doub N N 82  
G   P     OP2    sing N N 83  
G   P     "O5'"  sing N N 84  
G   OP2   HOP2   sing N N 85  
G   "O5'" "C5'"  sing N N 86  
G   "C5'" "C4'"  sing N N 87  
G   "C5'" "H5'"  sing N N 88  
G   "C5'" "H5''" sing N N 89  
G   "C4'" "O4'"  sing N N 90  
G   "C4'" "C3'"  sing N N 91  
G   "C4'" "H4'"  sing N N 92  
G   "O4'" "C1'"  sing N N 93  
G   "C3'" "O3'"  sing N N 94  
G   "C3'" "C2'"  sing N N 95  
G   "C3'" "H3'"  sing N N 96  
G   "O3'" "HO3'" sing N N 97  
G   "C2'" "O2'"  sing N N 98  
G   "C2'" "C1'"  sing N N 99  
G   "C2'" "H2'"  sing N N 100 
G   "O2'" "HO2'" sing N N 101 
G   "C1'" N9     sing N N 102 
G   "C1'" "H1'"  sing N N 103 
G   N9    C8     sing Y N 104 
G   N9    C4     sing Y N 105 
G   C8    N7     doub Y N 106 
G   C8    H8     sing N N 107 
G   N7    C5     sing Y N 108 
G   C5    C6     sing N N 109 
G   C5    C4     doub Y N 110 
G   C6    O6     doub N N 111 
G   C6    N1     sing N N 112 
G   N1    C2     sing N N 113 
G   N1    H1     sing N N 114 
G   C2    N2     sing N N 115 
G   C2    N3     doub N N 116 
G   N2    H21    sing N N 117 
G   N2    H22    sing N N 118 
G   N3    C4     sing N N 119 
PDU C5M   C5B    sing N N 120 
PDU OP1   P      doub N N 121 
PDU C5B   C5A    trip N N 122 
PDU C5A   C5     sing N N 123 
PDU "C2'" "C3'"  sing N N 124 
PDU "C2'" "C1'"  sing N N 125 
PDU "C3'" "O3'"  sing N N 126 
PDU "C3'" "C4'"  sing N N 127 
PDU C5    C6     doub N N 128 
PDU C5    C4     sing N N 129 
PDU P     "O5'"  sing N N 130 
PDU P     OP2    sing N N 131 
PDU "O5'" "C5'"  sing N N 132 
PDU O4    C4     doub N N 133 
PDU C6    N1     sing N N 134 
PDU C4    N3     sing N N 135 
PDU "C5'" "C4'"  sing N N 136 
PDU N1    "C1'"  sing N N 137 
PDU N1    C2     sing N N 138 
PDU "C4'" "O4'"  sing N N 139 
PDU N3    C2     sing N N 140 
PDU "C1'" "O4'"  sing N N 141 
PDU C2    O2     doub N N 142 
PDU P     OP3    sing N N 143 
PDU OP2   HOP2   sing N N 144 
PDU "C5'" "H5'"  sing N N 145 
PDU "C5'" "H5''" sing N N 146 
PDU "C4'" "H4'"  sing N N 147 
PDU "C3'" "H3'"  sing N N 148 
PDU "O3'" H2     sing N N 149 
PDU "C2'" "H2''" sing N N 150 
PDU "C2'" "H2'"  sing N N 151 
PDU "C1'" "H1'"  sing N N 152 
PDU N3    H3     sing N N 153 
PDU C5M   H71    sing N N 154 
PDU C5M   H72    sing N N 155 
PDU C5M   H73    sing N N 156 
PDU C6    H6     sing N N 157 
PDU OP3   HOP3   sing N N 158 
# 
loop_
_ndb_struct_conf_na.entry_id 
_ndb_struct_conf_na.feature 
1NTS 'double helix'        
1NTS 'a-form double helix' 
# 
loop_
_ndb_struct_na_base_pair.model_number 
_ndb_struct_na_base_pair.i_label_asym_id 
_ndb_struct_na_base_pair.i_label_comp_id 
_ndb_struct_na_base_pair.i_label_seq_id 
_ndb_struct_na_base_pair.i_symmetry 
_ndb_struct_na_base_pair.j_label_asym_id 
_ndb_struct_na_base_pair.j_label_comp_id 
_ndb_struct_na_base_pair.j_label_seq_id 
_ndb_struct_na_base_pair.j_symmetry 
_ndb_struct_na_base_pair.shear 
_ndb_struct_na_base_pair.stretch 
_ndb_struct_na_base_pair.stagger 
_ndb_struct_na_base_pair.buckle 
_ndb_struct_na_base_pair.propeller 
_ndb_struct_na_base_pair.opening 
_ndb_struct_na_base_pair.pair_number 
_ndb_struct_na_base_pair.pair_name 
_ndb_struct_na_base_pair.i_auth_asym_id 
_ndb_struct_na_base_pair.i_auth_seq_id 
_ndb_struct_na_base_pair.i_PDB_ins_code 
_ndb_struct_na_base_pair.j_auth_asym_id 
_ndb_struct_na_base_pair.j_auth_seq_id 
_ndb_struct_na_base_pair.j_PDB_ins_code 
_ndb_struct_na_base_pair.hbond_type_28 
_ndb_struct_na_base_pair.hbond_type_12 
1 A A 2 1_555 B PDU 7 1_555 -0.177 0.338  -0.002 -15.043 -11.556 6.637  1 A_A3:PDU7_B A 3 ? B 7 ? 20 1 
1 A A 3 1_555 B PDU 6 1_555 0.756  0.385  -0.177 -2.961  -12.887 -9.917 2 A_A4:PDU6_B A 4 ? B 6 ? 20 1 
1 A G 4 1_555 B 5PC 5 1_555 -1.195 -0.026 0.529  6.241   -14.136 -0.166 3 A_G5:5PC5_B A 5 ? B 5 ? 19 1 
1 A G 5 1_555 B 5PC 4 1_555 -1.431 -0.064 0.238  9.183   -15.996 2.314  4 A_G6:5PC4_B A 6 ? B 4 ? 19 1 
1 A A 6 1_555 B PDU 3 1_555 -0.347 0.209  0.231  4.723   -12.833 -2.597 5 A_A7:PDU3_B A 7 ? B 3 ? 20 1 
1 A G 7 1_555 B 5PC 2 1_555 -1.346 -0.118 0.484  10.411  -20.545 -0.783 6 A_G8:5PC2_B A 8 ? B 2 ? 19 1 
1 A G 8 1_555 B 5PC 1 1_555 -0.346 0.170  -0.352 -5.843  -23.074 -3.533 7 A_G9:5PC1_B A 9 ? B 1 ? 19 1 
# 
loop_
_ndb_struct_na_base_pair_step.model_number 
_ndb_struct_na_base_pair_step.i_label_asym_id_1 
_ndb_struct_na_base_pair_step.i_label_comp_id_1 
_ndb_struct_na_base_pair_step.i_label_seq_id_1 
_ndb_struct_na_base_pair_step.i_symmetry_1 
_ndb_struct_na_base_pair_step.j_label_asym_id_1 
_ndb_struct_na_base_pair_step.j_label_comp_id_1 
_ndb_struct_na_base_pair_step.j_label_seq_id_1 
_ndb_struct_na_base_pair_step.j_symmetry_1 
_ndb_struct_na_base_pair_step.i_label_asym_id_2 
_ndb_struct_na_base_pair_step.i_label_comp_id_2 
_ndb_struct_na_base_pair_step.i_label_seq_id_2 
_ndb_struct_na_base_pair_step.i_symmetry_2 
_ndb_struct_na_base_pair_step.j_label_asym_id_2 
_ndb_struct_na_base_pair_step.j_label_comp_id_2 
_ndb_struct_na_base_pair_step.j_label_seq_id_2 
_ndb_struct_na_base_pair_step.j_symmetry_2 
_ndb_struct_na_base_pair_step.shift 
_ndb_struct_na_base_pair_step.slide 
_ndb_struct_na_base_pair_step.rise 
_ndb_struct_na_base_pair_step.tilt 
_ndb_struct_na_base_pair_step.roll 
_ndb_struct_na_base_pair_step.twist 
_ndb_struct_na_base_pair_step.x_displacement 
_ndb_struct_na_base_pair_step.y_displacement 
_ndb_struct_na_base_pair_step.helical_rise 
_ndb_struct_na_base_pair_step.inclination 
_ndb_struct_na_base_pair_step.tip 
_ndb_struct_na_base_pair_step.helical_twist 
_ndb_struct_na_base_pair_step.step_number 
_ndb_struct_na_base_pair_step.step_name 
_ndb_struct_na_base_pair_step.i_auth_asym_id_1 
_ndb_struct_na_base_pair_step.i_auth_seq_id_1 
_ndb_struct_na_base_pair_step.i_PDB_ins_code_1 
_ndb_struct_na_base_pair_step.j_auth_asym_id_1 
_ndb_struct_na_base_pair_step.j_auth_seq_id_1 
_ndb_struct_na_base_pair_step.j_PDB_ins_code_1 
_ndb_struct_na_base_pair_step.i_auth_asym_id_2 
_ndb_struct_na_base_pair_step.i_auth_seq_id_2 
_ndb_struct_na_base_pair_step.i_PDB_ins_code_2 
_ndb_struct_na_base_pair_step.j_auth_asym_id_2 
_ndb_struct_na_base_pair_step.j_auth_seq_id_2 
_ndb_struct_na_base_pair_step.j_PDB_ins_code_2 
1 A A 2 1_555 B PDU 7 1_555 A A 3 1_555 B PDU 6 1_555 -0.816 -1.040 3.322 4.577  -1.526 33.201 -1.549 2.171  3.227 -2.653 -7.958 
33.540 1 AA_A3A4:PDU6PDU7_BB A 3 ? B 7 ? A 4 ? B 6 ? 
1 A A 3 1_555 B PDU 6 1_555 A G 4 1_555 B 5PC 5 1_555 0.920  -1.200 3.048 -3.424 5.588  24.162 -4.217 -3.010 2.557 13.044 7.993  
25.022 2 AA_A4G5:5PC5PDU6_BB A 4 ? B 6 ? A 5 ? B 5 ? 
1 A G 4 1_555 B 5PC 5 1_555 A G 5 1_555 B 5PC 4 1_555 0.173  -0.898 3.360 1.903  2.602  33.480 -1.985 0.018  3.287 4.503  -3.293 
33.630 3 AA_G5G6:5PC45PC5_BB A 5 ? B 5 ? A 6 ? B 4 ? 
1 A G 5 1_555 B 5PC 4 1_555 A A 6 1_555 B PDU 3 1_555 -0.241 -1.006 3.499 -1.087 -0.160 37.947 -1.524 0.222  3.509 -0.246 1.672  
37.962 4 AA_G6A7:PDU35PC4_BB A 6 ? B 4 ? A 7 ? B 3 ? 
1 A A 6 1_555 B PDU 3 1_555 A G 7 1_555 B 5PC 2 1_555 0.125  -1.250 3.129 -3.654 5.110  30.538 -3.228 -0.877 2.853 9.575  6.846  
31.162 5 AA_A7G8:5PC2PDU3_BB A 7 ? B 3 ? A 8 ? B 2 ? 
1 A G 7 1_555 B 5PC 2 1_555 A G 8 1_555 B 5PC 1 1_555 -0.385 -1.036 3.836 3.082  6.706  39.213 -2.404 0.972  3.579 9.885  -4.543 
39.874 6 AA_G8G9:5PC15PC2_BB A 8 ? B 2 ? A 9 ? B 1 ? 
# 
_pdbx_nmr_spectrometer.spectrometer_id   1 
_pdbx_nmr_spectrometer.type              ? 
_pdbx_nmr_spectrometer.manufacturer      Varian 
_pdbx_nmr_spectrometer.model             INOVA 
_pdbx_nmr_spectrometer.field_strength    500 
# 
_atom_sites.entry_id                    1NTS 
_atom_sites.fract_transf_matrix[1][1]   1.000000 
_atom_sites.fract_transf_matrix[1][2]   0.000000 
_atom_sites.fract_transf_matrix[1][3]   0.000000 
_atom_sites.fract_transf_matrix[2][1]   0.000000 
_atom_sites.fract_transf_matrix[2][2]   1.000000 
_atom_sites.fract_transf_matrix[2][3]   0.000000 
_atom_sites.fract_transf_matrix[3][1]   0.000000 
_atom_sites.fract_transf_matrix[3][2]   0.000000 
_atom_sites.fract_transf_matrix[3][3]   1.000000 
_atom_sites.fract_transf_vector[1]      0.00000 
_atom_sites.fract_transf_vector[2]      0.00000 
_atom_sites.fract_transf_vector[3]      0.00000 
# 
loop_
_atom_type.symbol 
C 
H 
N 
O 
P 
# 
loop_
_atom_site.group_PDB 
_atom_site.id 
_atom_site.type_symbol 
_atom_site.label_atom_id 
_atom_site.label_alt_id 
_atom_site.label_comp_id 
_atom_site.label_asym_id 
_atom_site.label_entity_id 
_atom_site.label_seq_id 
_atom_site.pdbx_PDB_ins_code 
_atom_site.Cartn_x 
_atom_site.Cartn_y 
_atom_site.Cartn_z 
_atom_site.occupancy 
_atom_site.B_iso_or_equiv 
_atom_site.pdbx_formal_charge 
_atom_site.auth_seq_id 
_atom_site.auth_comp_id 
_atom_site.auth_asym_id 
_atom_site.auth_atom_id 
_atom_site.pdbx_PDB_model_num 
ATOM   1   O "O5'"  . A   A 1 1 ? 3.541   1.224   14.251  1.00 0.00 ? 2  A   A "O5'"  1 
ATOM   2   C "C5'"  . A   A 1 1 ? 3.700   1.726   15.578  1.00 0.00 ? 2  A   A "C5'"  1 
ATOM   3   C "C4'"  . A   A 1 1 ? 2.580   2.705   15.996  1.00 0.00 ? 2  A   A "C4'"  1 
ATOM   4   O "O4'"  . A   A 1 1 ? 2.837   4.047   15.555  1.00 0.00 ? 2  A   A "O4'"  1 
ATOM   5   C "C3'"  . A   A 1 1 ? 1.187   2.396   15.442  1.00 0.00 ? 2  A   A "C3'"  1 
ATOM   6   O "O3'"  . A   A 1 1 ? 0.578   1.287   16.126  1.00 0.00 ? 2  A   A "O3'"  1 
ATOM   7   C "C2'"  . A   A 1 1 ? 0.447   3.716   15.622  1.00 0.00 ? 2  A   A "C2'"  1 
ATOM   8   O "O2'"  . A   A 1 1 ? -0.076  3.799   16.946  1.00 0.00 ? 2  A   A "O2'"  1 
ATOM   9   C "C1'"  . A   A 1 1 ? 1.575   4.754   15.409  1.00 0.00 ? 2  A   A "C1'"  1 
ATOM   10  N N9     . A   A 1 1 ? 1.508   5.434   14.072  1.00 0.00 ? 2  A   A N9     1 
ATOM   11  C C8     . A   A 1 1 ? 2.488   5.573   13.091  1.00 0.00 ? 2  A   A C8     1 
ATOM   12  N N7     . A   A 1 1 ? 2.356   6.449   12.034  1.00 0.00 ? 2  A   A N7     1 
ATOM   13  C C5     . A   A 1 1 ? 1.100   6.941   12.363  1.00 0.00 ? 2  A   A C5     1 
ATOM   14  C C6     . A   A 1 1 ? 0.287   7.940   11.697  1.00 0.00 ? 2  A   A C6     1 
ATOM   15  N N6     . A   A 1 1 ? 0.703   8.567   10.603  1.00 0.00 ? 2  A   A N6     1 
ATOM   16  N N1     . A   A 1 1 ? -0.902  8.255   12.174  1.00 0.00 ? 2  A   A N1     1 
ATOM   17  C C2     . A   A 1 1 ? -1.351  7.666   13.262  1.00 0.00 ? 2  A   A C2     1 
ATOM   18  N N3     . A   A 1 1 ? -0.771  6.763   14.011  1.00 0.00 ? 2  A   A N3     1 
ATOM   19  C C4     . A   A 1 1 ? 0.560   6.331   13.575  1.00 0.00 ? 2  A   A C4     1 
ATOM   20  H "H5'"  . A   A 1 1 ? 4.689   2.208   15.682  1.00 0.00 ? 2  A   A "H5'"  1 
ATOM   21  H "H5''" . A   A 1 1 ? 3.710   0.865   16.273  1.00 0.00 ? 2  A   A "H5''" 1 
ATOM   22  H "H4'"  . A   A 1 1 ? 2.537   2.717   17.102  1.00 0.00 ? 2  A   A "H4'"  1 
ATOM   23  H "H3'"  . A   A 1 1 ? 1.262   2.207   14.353  1.00 0.00 ? 2  A   A "H3'"  1 
ATOM   24  H "H2'"  . A   A 1 1 ? -0.386  3.808   14.899  1.00 0.00 ? 2  A   A "H2'"  1 
ATOM   25  H "HO2'" . A   A 1 1 ? -0.316  2.893   17.166  1.00 0.00 ? 2  A   A "HO2'" 1 
ATOM   26  H "H1'"  . A   A 1 1 ? 1.511   5.527   16.195  1.00 0.00 ? 2  A   A "H1'"  1 
ATOM   27  H H8     . A   A 1 1 ? 3.399   4.997   13.169  1.00 0.00 ? 2  A   A H8     1 
ATOM   28  H H61    . A   A 1 1 ? 0.055   9.251   10.199  1.00 0.00 ? 2  A   A H61    1 
ATOM   29  H H62    . A   A 1 1 ? 1.622   8.292   10.238  1.00 0.00 ? 2  A   A H62    1 
ATOM   30  H H2     . A   A 1 1 ? -2.338  7.969   13.580  1.00 0.00 ? 2  A   A H2     1 
ATOM   31  H "HO5'" . A   A 1 1 ? 2.794   0.591   14.282  1.00 0.00 ? 2  A   A "HO5'" 1 
ATOM   32  P P      . A   A 1 2 ? 0.315   -0.105  15.346  1.00 0.00 ? 3  A   A P      1 
ATOM   33  O OP1    . A   A 1 2 ? 0.126   -1.233  16.360  1.00 0.00 ? 3  A   A OP1    1 
ATOM   34  O OP2    . A   A 1 2 ? 1.527   -0.403  14.451  1.00 0.00 ? 3  A   A OP2    1 
ATOM   35  O "O5'"  . A   A 1 2 ? -1.013  0.071   14.442  1.00 0.00 ? 3  A   A "O5'"  1 
ATOM   36  C "C5'"  . A   A 1 2 ? -2.326  0.147   15.032  1.00 0.00 ? 3  A   A "C5'"  1 
ATOM   37  C "C4'"  . A   A 1 2 ? -3.259  1.059   14.218  1.00 0.00 ? 3  A   A "C4'"  1 
ATOM   38  O "O4'"  . A   A 1 2 ? -2.692  2.385   14.143  1.00 0.00 ? 3  A   A "O4'"  1 
ATOM   39  C "C3'"  . A   A 1 2 ? -3.528  0.631   12.768  1.00 0.00 ? 3  A   A "C3'"  1 
ATOM   40  O "O3'"  . A   A 1 2 ? -4.567  -0.365  12.684  1.00 0.00 ? 3  A   A "O3'"  1 
ATOM   41  C "C2'"  . A   A 1 2 ? -3.902  1.970   12.118  1.00 0.00 ? 3  A   A "C2'"  1 
ATOM   42  O "O2'"  . A   A 1 2 ? -5.280  2.284   12.313  1.00 0.00 ? 3  A   A "O2'"  1 
ATOM   43  C "C1'"  . A   A 1 2 ? -3.029  2.988   12.877  1.00 0.00 ? 3  A   A "C1'"  1 
ATOM   44  N N9     . A   A 1 2 ? -1.795  3.336   12.104  1.00 0.00 ? 3  A   A N9     1 
ATOM   45  C C8     . A   A 1 2 ? -0.544  2.731   12.068  1.00 0.00 ? 3  A   A C8     1 
ATOM   46  N N7     . A   A 1 2 ? 0.428   3.105   11.166  1.00 0.00 ? 3  A   A N7     1 
ATOM   47  C C5     . A   A 1 2 ? -0.302  4.092   10.518  1.00 0.00 ? 3  A   A C5     1 
ATOM   48  C C6     . A   A 1 2 ? 0.069   4.954   9.415   1.00 0.00 ? 3  A   A C6     1 
ATOM   49  N N6     . A   A 1 2 ? 1.270   4.897   8.853   1.00 0.00 ? 3  A   A N6     1 
ATOM   50  N N1     . A   A 1 2 ? -0.789  5.838   8.949   1.00 0.00 ? 3  A   A N1     1 
ATOM   51  C C2     . A   A 1 2 ? -1.987  5.944   9.482   1.00 0.00 ? 3  A   A C2     1 
ATOM   52  N N3     . A   A 1 2 ? -2.510  5.268   10.471  1.00 0.00 ? 3  A   A N3     1 
ATOM   53  C C4     . A   A 1 2 ? -1.641  4.255   11.073  1.00 0.00 ? 3  A   A C4     1 
ATOM   54  H "H5'"  . A   A 1 2 ? -2.266  0.528   16.069  1.00 0.00 ? 3  A   A "H5'"  1 
ATOM   55  H "H5''" . A   A 1 2 ? -2.755  -0.870  15.106  1.00 0.00 ? 3  A   A "H5''" 1 
ATOM   56  H "H4'"  . A   A 1 2 ? -4.227  1.130   14.750  1.00 0.00 ? 3  A   A "H4'"  1 
ATOM   57  H "H3'"  . A   A 1 2 ? -2.592  0.249   12.312  1.00 0.00 ? 3  A   A "H3'"  1 
ATOM   58  H "H2'"  . A   A 1 2 ? -3.696  1.951   11.032  1.00 0.00 ? 3  A   A "H2'"  1 
ATOM   59  H "HO2'" . A   A 1 2 ? -5.734  1.932   11.539  1.00 0.00 ? 3  A   A "HO2'" 1 
ATOM   60  H "H1'"  . A   A 1 2 ? -3.603  3.915   13.068  1.00 0.00 ? 3  A   A "H1'"  1 
ATOM   61  H H8     . A   A 1 2 ? -0.326  1.935   12.765  1.00 0.00 ? 3  A   A H8     1 
ATOM   62  H H61    . A   A 1 2 ? 1.448   5.545   8.076   1.00 0.00 ? 3  A   A H61    1 
ATOM   63  H H62    . A   A 1 2 ? 1.920   4.200   9.234   1.00 0.00 ? 3  A   A H62    1 
ATOM   64  H H2     . A   A 1 2 ? -2.632  6.686   9.033   1.00 0.00 ? 3  A   A H2     1 
ATOM   65  P P      . A   A 1 3 ? -4.873  -1.196  11.324  1.00 0.00 ? 4  A   A P      1 
ATOM   66  O OP1    . A   A 1 3 ? -5.814  -2.358  11.647  1.00 0.00 ? 4  A   A OP1    1 
ATOM   67  O OP2    . A   A 1 3 ? -3.563  -1.743  10.753  1.00 0.00 ? 4  A   A OP2    1 
ATOM   68  O "O5'"  . A   A 1 3 ? -5.566  -0.220  10.232  1.00 0.00 ? 4  A   A "O5'"  1 
ATOM   69  C "C5'"  . A   A 1 3 ? -6.924  0.239   10.362  1.00 0.00 ? 4  A   A "C5'"  1 
ATOM   70  C "C4'"  . A   A 1 3 ? -7.190  1.466   9.471   1.00 0.00 ? 4  A   A "C4'"  1 
ATOM   71  O "O4'"  . A   A 1 3 ? -6.171  2.474   9.656   1.00 0.00 ? 4  A   A "O4'"  1 
ATOM   72  C "C3'"  . A   A 1 3 ? -7.225  1.188   7.960   1.00 0.00 ? 4  A   A "C3'"  1 
ATOM   73  O "O3'"  . A   A 1 3 ? -8.498  0.673   7.524   1.00 0.00 ? 4  A   A "O3'"  1 
ATOM   74  C "C2'"  . A   A 1 3 ? -6.940  2.584   7.400   1.00 0.00 ? 4  A   A "C2'"  1 
ATOM   75  O "O2'"  . A   A 1 3 ? -8.133  3.367   7.399   1.00 0.00 ? 4  A   A "O2'"  1 
ATOM   76  C "C1'"  . A   A 1 3 ? -5.934  3.164   8.406   1.00 0.00 ? 4  A   A "C1'"  1 
ATOM   77  N N9     . A   A 1 3 ? -4.515  2.997   7.947   1.00 0.00 ? 4  A   A N9     1 
ATOM   78  C C8     . A   A 1 3 ? -3.601  1.969   8.159   1.00 0.00 ? 4  A   A C8     1 
ATOM   79  N N7     . A   A 1 3 ? -2.331  1.994   7.626   1.00 0.00 ? 4  A   A N7     1 
ATOM   80  C C5     . A   A 1 3 ? -2.441  3.203   6.953   1.00 0.00 ? 4  A   A C5     1 
ATOM   81  C C6     . A   A 1 3 ? -1.476  3.904   6.130   1.00 0.00 ? 4  A   A C6     1 
ATOM   82  N N6     . A   A 1 3 ? -0.260  3.418   5.915   1.00 0.00 ? 4  A   A N6     1 
ATOM   83  N N1     . A   A 1 3 ? -1.788  5.059   5.575   1.00 0.00 ? 4  A   A N1     1 
ATOM   84  C C2     . A   A 1 3 ? -2.982  5.576   5.759   1.00 0.00 ? 4  A   A C2     1 
ATOM   85  N N3     . A   A 1 3 ? -3.984  5.107   6.458   1.00 0.00 ? 4  A   A N3     1 
ATOM   86  C C4     . A   A 1 3 ? -3.748  3.826   7.130   1.00 0.00 ? 4  A   A C4     1 
ATOM   87  H "H5'"  . A   A 1 3 ? -7.135  0.498   11.416  1.00 0.00 ? 4  A   A "H5'"  1 
ATOM   88  H "H5''" . A   A 1 3 ? -7.622  -0.582  10.109  1.00 0.00 ? 4  A   A "H5''" 1 
ATOM   89  H "H4'"  . A   A 1 3 ? -8.165  1.899   9.770   1.00 0.00 ? 4  A   A "H4'"  1 
ATOM   90  H "H3'"  . A   A 1 3 ? -6.405  0.494   7.686   1.00 0.00 ? 4  A   A "H3'"  1 
ATOM   91  H "H2'"  . A   A 1 3 ? -6.548  2.536   6.372   1.00 0.00 ? 4  A   A "H2'"  1 
ATOM   92  H "HO2'" . A   A 1 3 ? -8.829  2.747   7.161   1.00 0.00 ? 4  A   A "HO2'" 1 
ATOM   93  H "H1'"  . A   A 1 3 ? -6.135  4.243   8.533   1.00 0.00 ? 4  A   A "H1'"  1 
ATOM   94  H H8     . A   A 1 3 ? -3.897  1.108   8.744   1.00 0.00 ? 4  A   A H8     1 
ATOM   95  H H61    . A   A 1 3 ? 0.362   3.990   5.326   1.00 0.00 ? 4  A   A H61    1 
ATOM   96  H H62    . A   A 1 3 ? -0.042  2.516   6.350   1.00 0.00 ? 4  A   A H62    1 
ATOM   97  H H2     . A   A 1 3 ? -3.161  6.520   5.265   1.00 0.00 ? 4  A   A H2     1 
ATOM   98  P P      . G   A 1 4 ? -8.686  -0.073  6.094   1.00 0.00 ? 5  G   A P      1 
ATOM   99  O OP1    . G   A 1 4 ? -10.102 -0.644  6.013   1.00 0.00 ? 5  G   A OP1    1 
ATOM   100 O OP2    . G   A 1 4 ? -7.668  -1.206  5.972   1.00 0.00 ? 5  G   A OP2    1 
ATOM   101 O "O5'"  . G   A 1 4 ? -8.454  0.992   4.892   1.00 0.00 ? 5  G   A "O5'"  1 
ATOM   102 C "C5'"  . G   A 1 4 ? -9.430  1.999   4.564   1.00 0.00 ? 5  G   A "C5'"  1 
ATOM   103 C "C4'"  . G   A 1 4 ? -8.837  3.112   3.682   1.00 0.00 ? 5  G   A "C4'"  1 
ATOM   104 O "O4'"  . G   A 1 4 ? -7.641  3.667   4.267   1.00 0.00 ? 5  G   A "O4'"  1 
ATOM   105 C "C3'"  . G   A 1 4 ? -8.440  2.685   2.262   1.00 0.00 ? 5  G   A "C3'"  1 
ATOM   106 O "O3'"  . G   A 1 4 ? -9.580  2.632   1.380   1.00 0.00 ? 5  G   A "O3'"  1 
ATOM   107 C "C2'"  . G   A 1 4 ? -7.450  3.791   1.884   1.00 0.00 ? 5  G   A "C2'"  1 
ATOM   108 O "O2'"  . G   A 1 4 ? -8.153  4.945   1.427   1.00 0.00 ? 5  G   A "O2'"  1 
ATOM   109 C "C1'"  . G   A 1 4 ? -6.742  4.099   3.219   1.00 0.00 ? 5  G   A "C1'"  1 
ATOM   110 N N9     . G   A 1 4 ? -5.417  3.402   3.320   1.00 0.00 ? 5  G   A N9     1 
ATOM   111 C C8     . G   A 1 4 ? -5.051  2.222   3.955   1.00 0.00 ? 5  G   A C8     1 
ATOM   112 N N7     . G   A 1 4 ? -3.764  1.734   3.895   1.00 0.00 ? 5  G   A N7     1 
ATOM   113 C C5     . G   A 1 4 ? -3.235  2.739   3.108   1.00 0.00 ? 5  G   A C5     1 
ATOM   114 C C6     . G   A 1 4 ? -1.766  2.871   2.627   1.00 0.00 ? 5  G   A C6     1 
ATOM   115 O O6     . G   A 1 4 ? -0.880  2.065   2.902   1.00 0.00 ? 5  G   A O6     1 
ATOM   116 N N1     . G   A 1 4 ? -1.507  3.965   1.859   1.00 0.00 ? 5  G   A N1     1 
ATOM   117 C C2     . G   A 1 4 ? -2.533  4.943   1.485   1.00 0.00 ? 5  G   A C2     1 
ATOM   118 N N2     . G   A 1 4 ? -2.196  5.989   0.630   1.00 0.00 ? 5  G   A N2     1 
ATOM   119 N N3     . G   A 1 4 ? -3.745  4.839   1.918   1.00 0.00 ? 5  G   A N3     1 
ATOM   120 C C4     . G   A 1 4 ? -4.196  3.745   2.749   1.00 0.00 ? 5  G   A C4     1 
ATOM   121 H "H5'"  . G   A 1 4 ? -9.835  2.450   5.489   1.00 0.00 ? 5  G   A "H5'"  1 
ATOM   122 H "H5''" . G   A 1 4 ? -10.294 1.528   4.057   1.00 0.00 ? 5  G   A "H5''" 1 
ATOM   123 H "H4'"  . G   A 1 4 ? -9.590  3.920   3.606   1.00 0.00 ? 5  G   A "H4'"  1 
ATOM   124 H "H3'"  . G   A 1 4 ? -7.918  1.705   2.296   1.00 0.00 ? 5  G   A "H3'"  1 
ATOM   125 H "H2'"  . G   A 1 4 ? -6.761  3.459   1.087   1.00 0.00 ? 5  G   A "H2'"  1 
ATOM   126 H "HO2'" . G   A 1 4 ? -8.901  4.593   0.935   1.00 0.00 ? 5  G   A "HO2'" 1 
ATOM   127 H "H1'"  . G   A 1 4 ? -6.576  5.189   3.317   1.00 0.00 ? 5  G   A "H1'"  1 
ATOM   128 H H8     . G   A 1 4 ? -5.784  1.679   4.536   1.00 0.00 ? 5  G   A H8     1 
ATOM   129 H H1     . G   A 1 4 ? -0.539  4.038   1.528   1.00 0.00 ? 5  G   A H1     1 
ATOM   130 H H21    . G   A 1 4 ? -1.234  6.048   0.277   1.00 0.00 ? 5  G   A H21    1 
ATOM   131 H H22    . G   A 1 4 ? -2.924  6.667   0.387   1.00 0.00 ? 5  G   A H22    1 
ATOM   132 P P      . G   A 1 5 ? -9.579  1.783   -0.002  1.00 0.00 ? 6  G   A P      1 
ATOM   133 O OP1    . G   A 1 5 ? -11.004 1.733   -0.556  1.00 0.00 ? 6  G   A OP1    1 
ATOM   134 O OP2    . G   A 1 5 ? -9.084  0.361   0.267   1.00 0.00 ? 6  G   A OP2    1 
ATOM   135 O "O5'"  . G   A 1 5 ? -8.602  2.499   -1.076  1.00 0.00 ? 6  G   A "O5'"  1 
ATOM   136 C "C5'"  . G   A 1 5 ? -8.953  3.732   -1.729  1.00 0.00 ? 6  G   A "C5'"  1 
ATOM   137 C "C4'"  . G   A 1 5 ? -7.734  4.391   -2.395  1.00 0.00 ? 6  G   A "C4'"  1 
ATOM   138 O "O4'"  . G   A 1 5 ? -6.654  4.568   -1.448  1.00 0.00 ? 6  G   A "O4'"  1 
ATOM   139 C "C3'"  . G   A 1 5 ? -7.129  3.618   -3.577  1.00 0.00 ? 6  G   A "C3'"  1 
ATOM   140 O "O3'"  . G   A 1 5 ? -7.840  3.853   -4.810  1.00 0.00 ? 6  G   A "O3'"  1 
ATOM   141 C "C2'"  . G   A 1 5 ? -5.715  4.198   -3.610  1.00 0.00 ? 6  G   A "C2'"  1 
ATOM   142 O "O2'"  . G   A 1 5 ? -5.721  5.462   -4.273  1.00 0.00 ? 6  G   A "O2'"  1 
ATOM   143 C "C1'"  . G   A 1 5 ? -5.386  4.382   -2.122  1.00 0.00 ? 6  G   A "C1'"  1 
ATOM   144 N N9     . G   A 1 5 ? -4.628  3.222   -1.546  1.00 0.00 ? 6  G   A N9     1 
ATOM   145 C C8     . G   A 1 5 ? -5.052  2.136   -0.788  1.00 0.00 ? 6  G   A C8     1 
ATOM   146 N N7     . G   A 1 5 ? -4.161  1.235   -0.250  1.00 0.00 ? 6  G   A N7     1 
ATOM   147 C C5     . G   A 1 5 ? -3.011  1.811   -0.751  1.00 0.00 ? 6  G   A C5     1 
ATOM   148 C C6     . G   A 1 5 ? -1.555  1.312   -0.553  1.00 0.00 ? 6  G   A C6     1 
ATOM   149 O O6     . G   A 1 5 ? -1.258  0.329   0.122   1.00 0.00 ? 6  G   A O6     1 
ATOM   150 N N1     . G   A 1 5 ? -0.601  2.048   -1.186  1.00 0.00 ? 6  G   A N1     1 
ATOM   151 C C2     . G   A 1 5 ? -0.910  3.215   -2.018  1.00 0.00 ? 6  G   A C2     1 
ATOM   152 N N2     . G   A 1 5 ? 0.118   3.855   -2.706  1.00 0.00 ? 6  G   A N2     1 
ATOM   153 N N3     . G   A 1 5 ? -2.122  3.642   -2.144  1.00 0.00 ? 6  G   A N3     1 
ATOM   154 C C4     . G   A 1 5 ? -3.259  2.985   -1.540  1.00 0.00 ? 6  G   A C4     1 
ATOM   155 H "H5'"  . G   A 1 5 ? -9.392  4.436   -0.998  1.00 0.00 ? 6  G   A "H5'"  1 
ATOM   156 H "H5''" . G   A 1 5 ? -9.745  3.543   -2.479  1.00 0.00 ? 6  G   A "H5''" 1 
ATOM   157 H "H4'"  . G   A 1 5 ? -8.044  5.394   -2.751  1.00 0.00 ? 6  G   A "H4'"  1 
ATOM   158 H "H3'"  . G   A 1 5 ? -7.091  2.534   -3.343  1.00 0.00 ? 6  G   A "H3'"  1 
ATOM   159 H "H2'"  . G   A 1 5 ? -5.004  3.540   -4.128  1.00 0.00 ? 6  G   A "H2'"  1 
ATOM   160 H "HO2'" . G   A 1 5 ? -6.411  5.381   -4.938  1.00 0.00 ? 6  G   A "HO2'" 1 
ATOM   161 H "H1'"  . G   A 1 5 ? -4.765  5.285   -2.014  1.00 0.00 ? 6  G   A "H1'"  1 
ATOM   162 H H8     . G   A 1 5 ? -6.108  1.983   -0.618  1.00 0.00 ? 6  G   A H8     1 
ATOM   163 H H1     . G   A 1 5 ? 0.356   1.693   -1.082  1.00 0.00 ? 6  G   A H1     1 
ATOM   164 H H21    . G   A 1 5 ? 1.070   3.481   -2.625  1.00 0.00 ? 6  G   A H21    1 
ATOM   165 H H22    . G   A 1 5 ? -0.119  4.663   -3.288  1.00 0.00 ? 6  G   A H22    1 
ATOM   166 P P      . A   A 1 6 ? -7.723  2.844   -6.077  1.00 0.00 ? 7  A   A P      1 
ATOM   167 O OP1    . A   A 1 6 ? -8.675  3.316   -7.178  1.00 0.00 ? 7  A   A OP1    1 
ATOM   168 O OP2    . A   A 1 6 ? -8.109  1.430   -5.641  1.00 0.00 ? 7  A   A OP2    1 
ATOM   169 O "O5'"  . A   A 1 6 ? -6.200  2.839   -6.634  1.00 0.00 ? 7  A   A "O5'"  1 
ATOM   170 C "C5'"  . A   A 1 6 ? -5.663  3.929   -7.406  1.00 0.00 ? 7  A   A "C5'"  1 
ATOM   171 C "C4'"  . A   A 1 6 ? -4.131  3.848   -7.534  1.00 0.00 ? 7  A   A "C4'"  1 
ATOM   172 O "O4'"  . A   A 1 6 ? -3.501  3.801   -6.235  1.00 0.00 ? 7  A   A "O4'"  1 
ATOM   173 C "C3'"  . A   A 1 6 ? -3.595  2.630   -8.300  1.00 0.00 ? 7  A   A "C3'"  1 
ATOM   174 O "O3'"  . A   A 1 6 ? -3.655  2.817   -9.730  1.00 0.00 ? 7  A   A "O3'"  1 
ATOM   175 C "C2'"  . A   A 1 6 ? -2.157  2.562   -7.777  1.00 0.00 ? 7  A   A "C2'"  1 
ATOM   176 O "O2'"  . A   A 1 6 ? -1.334  3.493   -8.479  1.00 0.00 ? 7  A   A "O2'"  1 
ATOM   177 C "C1'"  . A   A 1 6 ? -2.304  2.989   -6.304  1.00 0.00 ? 7  A   A "C1'"  1 
ATOM   178 N N9     . A   A 1 6 ? -2.397  1.808   -5.385  1.00 0.00 ? 7  A   A N9     1 
ATOM   179 C C8     . A   A 1 6 ? -3.494  1.215   -4.768  1.00 0.00 ? 7  A   A C8     1 
ATOM   180 N N7     . A   A 1 6 ? -3.368  0.127   -3.931  1.00 0.00 ? 7  A   A N7     1 
ATOM   181 C C5     . A   A 1 6 ? -1.988  -0.002  -4.010  1.00 0.00 ? 7  A   A C5     1 
ATOM   182 C C6     . A   A 1 6 ? -1.101  -0.927  -3.337  1.00 0.00 ? 7  A   A C6     1 
ATOM   183 N N6     . A   A 1 6 ? -1.561  -1.851  -2.502  1.00 0.00 ? 7  A   A N6     1 
ATOM   184 N N1     . A   A 1 6 ? 0.201   -0.856  -3.531  1.00 0.00 ? 7  A   A N1     1 
ATOM   185 C C2     . A   A 1 6 ? 0.701   0.050   -4.343  1.00 0.00 ? 7  A   A C2     1 
ATOM   186 N N3     . A   A 1 6 ? 0.077   0.973   -5.029  1.00 0.00 ? 7  A   A N3     1 
ATOM   187 C C4     . A   A 1 6 ? -1.381  0.999   -4.881  1.00 0.00 ? 7  A   A C4     1 
ATOM   188 H "H5'"  . A   A 1 6 ? -5.937  4.894   -6.940  1.00 0.00 ? 7  A   A "H5'"  1 
ATOM   189 H "H5''" . A   A 1 6 ? -6.128  3.936   -8.411  1.00 0.00 ? 7  A   A "H5''" 1 
ATOM   190 H "H4'"  . A   A 1 6 ? -3.787  4.767   -8.048  1.00 0.00 ? 7  A   A "H4'"  1 
ATOM   191 H "H3'"  . A   A 1 6 ? -4.151  1.720   -7.997  1.00 0.00 ? 7  A   A "H3'"  1 
ATOM   192 H "H2'"  . A   A 1 6 ? -1.728  1.554   -7.897  1.00 0.00 ? 7  A   A "H2'"  1 
ATOM   193 H "HO2'" . A   A 1 6 ? -1.679  3.490   -9.377  1.00 0.00 ? 7  A   A "HO2'" 1 
ATOM   194 H "H1'"  . A   A 1 6 ? -1.433  3.600   -6.006  1.00 0.00 ? 7  A   A "H1'"  1 
ATOM   195 H H8     . A   A 1 6 ? -4.473  1.659   -4.883  1.00 0.00 ? 7  A   A H8     1 
ATOM   196 H H61    . A   A 1 6 ? -0.869  -2.441  -2.024  1.00 0.00 ? 7  A   A H61    1 
ATOM   197 H H62    . A   A 1 6 ? -2.578  -1.863  -2.357  1.00 0.00 ? 7  A   A H62    1 
ATOM   198 H H2     . A   A 1 6 ? 1.773   0.017   -4.478  1.00 0.00 ? 7  A   A H2     1 
ATOM   199 P P      . G   A 1 7 ? -3.608  1.573   -10.771 1.00 0.00 ? 8  G   A P      1 
ATOM   200 O OP1    . G   A 1 7 ? -3.913  2.092   -12.178 1.00 0.00 ? 8  G   A OP1    1 
ATOM   201 O OP2    . G   A 1 7 ? -4.650  0.529   -10.375 1.00 0.00 ? 8  G   A OP2    1 
ATOM   202 O "O5'"  . G   A 1 7 ? -2.134  0.900   -10.746 1.00 0.00 ? 8  G   A "O5'"  1 
ATOM   203 C "C5'"  . G   A 1 7 ? -0.994  1.532   -11.357 1.00 0.00 ? 8  G   A "C5'"  1 
ATOM   204 C "C4'"  . G   A 1 7 ? 0.328   0.888   -10.906 1.00 0.00 ? 8  G   A "C4'"  1 
ATOM   205 O "O4'"  . G   A 1 7 ? 0.435   0.878   -9.466  1.00 0.00 ? 8  G   A "O4'"  1 
ATOM   206 C "C3'"  . G   A 1 7 ? 0.540   -0.567  -11.349 1.00 0.00 ? 8  G   A "C3'"  1 
ATOM   207 O "O3'"  . G   A 1 7 ? 1.021   -0.660  -12.706 1.00 0.00 ? 8  G   A "O3'"  1 
ATOM   208 C "C2'"  . G   A 1 7 ? 1.581   -1.036  -10.329 1.00 0.00 ? 8  G   A "C2'"  1 
ATOM   209 O "O2'"  . G   A 1 7 ? 2.884   -0.617  -10.730 1.00 0.00 ? 8  G   A "O2'"  1 
ATOM   210 C "C1'"  . G   A 1 7 ? 1.156   -0.302  -9.042  1.00 0.00 ? 8  G   A "C1'"  1 
ATOM   211 N N9     . G   A 1 7 ? 0.306   -1.167  -8.159  1.00 0.00 ? 8  G   A N9     1 
ATOM   212 C C8     . G   A 1 7 ? -1.070  -1.211  -7.973  1.00 0.00 ? 8  G   A C8     1 
ATOM   213 N N7     . G   A 1 7 ? -1.652  -2.063  -7.061  1.00 0.00 ? 8  G   A N7     1 
ATOM   214 C C5     . G   A 1 7 ? -0.489  -2.659  -6.618  1.00 0.00 ? 8  G   A C5     1 
ATOM   215 C C6     . G   A 1 7 ? -0.363  -3.781  -5.556  1.00 0.00 ? 8  G   A C6     1 
ATOM   216 O O6     . G   A 1 7 ? -1.320  -4.254  -4.947  1.00 0.00 ? 8  G   A O6     1 
ATOM   217 N N1     . G   A 1 7 ? 0.902   -4.235  -5.341  1.00 0.00 ? 8  G   A N1     1 
ATOM   218 C C2     . G   A 1 7 ? 2.070   -3.726  -6.066  1.00 0.00 ? 8  G   A C2     1 
ATOM   219 N N2     . G   A 1 7 ? 3.313   -4.321  -5.860  1.00 0.00 ? 8  G   A N2     1 
ATOM   220 N N3     . G   A 1 7 ? 1.960   -2.759  -6.914  1.00 0.00 ? 8  G   A N3     1 
ATOM   221 C C4     . G   A 1 7 ? 0.691   -2.158  -7.265  1.00 0.00 ? 8  G   A C4     1 
ATOM   222 H "H5'"  . G   A 1 7 ? -0.978  2.608   -11.101 1.00 0.00 ? 8  G   A "H5'"  1 
ATOM   223 H "H5''" . G   A 1 7 ? -1.087  1.484   -12.459 1.00 0.00 ? 8  G   A "H5''" 1 
ATOM   224 H "H4'"  . G   A 1 7 ? 1.157   1.503   -11.307 1.00 0.00 ? 8  G   A "H4'"  1 
ATOM   225 H "H3'"  . G   A 1 7 ? -0.401  -1.141  -11.221 1.00 0.00 ? 8  G   A "H3'"  1 
ATOM   226 H "H2'"  . G   A 1 7 ? 1.584   -2.134  -10.222 1.00 0.00 ? 8  G   A "H2'"  1 
ATOM   227 H "HO2'" . G   A 1 7 ? 2.854   -0.627  -11.692 1.00 0.00 ? 8  G   A "HO2'" 1 
ATOM   228 H "H1'"  . G   A 1 7 ? 2.053   0.006   -8.471  1.00 0.00 ? 8  G   A "H1'"  1 
ATOM   229 H H8     . G   A 1 7 ? -1.711  -0.565  -8.557  1.00 0.00 ? 8  G   A H8     1 
ATOM   230 H H1     . G   A 1 7 ? 0.977   -5.001  -4.662  1.00 0.00 ? 8  G   A H1     1 
ATOM   231 H H21    . G   A 1 7 ? 3.385   -5.098  -5.192  1.00 0.00 ? 8  G   A H21    1 
ATOM   232 H H22    . G   A 1 7 ? 4.119   -3.946  -6.369  1.00 0.00 ? 8  G   A H22    1 
ATOM   233 P P      . G   A 1 8 ? 0.815   -1.989  -13.614 1.00 0.00 ? 9  G   A P      1 
ATOM   234 O OP1    . G   A 1 8 ? 1.259   -1.687  -15.048 1.00 0.00 ? 9  G   A OP1    1 
ATOM   235 O OP2    . G   A 1 8 ? -0.659  -2.392  -13.613 1.00 0.00 ? 9  G   A OP2    1 
ATOM   236 O "O5'"  . G   A 1 8 ? 1.703   -3.206  -13.016 1.00 0.00 ? 9  G   A "O5'"  1 
ATOM   237 C "C5'"  . G   A 1 8 ? 3.134   -3.254  -13.158 1.00 0.00 ? 9  G   A "C5'"  1 
ATOM   238 C "C4'"  . G   A 1 8 ? 3.765   -4.276  -12.196 1.00 0.00 ? 9  G   A "C4'"  1 
ATOM   239 O "O4'"  . G   A 1 8 ? 3.372   -4.002  -10.833 1.00 0.00 ? 9  G   A "O4'"  1 
ATOM   240 C "C3'"  . G   A 1 8 ? 3.399   -5.748  -12.452 1.00 0.00 ? 9  G   A "C3'"  1 
ATOM   241 O "O3'"  . G   A 1 8 ? 4.225   -6.355  -13.467 1.00 0.00 ? 9  G   A "O3'"  1 
ATOM   242 C "C2'"  . G   A 1 8 ? 3.654   -6.360  -11.073 1.00 0.00 ? 9  G   A "C2'"  1 
ATOM   243 O "O2'"  . G   A 1 8 ? 5.046   -6.630  -10.913 1.00 0.00 ? 9  G   A "O2'"  1 
ATOM   244 C "C1'"  . G   A 1 8 ? 3.221   -5.244  -10.110 1.00 0.00 ? 9  G   A "C1'"  1 
ATOM   245 N N9     . G   A 1 8 ? 1.816   -5.427  -9.624  1.00 0.00 ? 9  G   A N9     1 
ATOM   246 C C8     . G   A 1 8 ? 0.631   -4.794  -9.982  1.00 0.00 ? 9  G   A C8     1 
ATOM   247 N N7     . G   A 1 8 ? -0.554  -5.051  -9.329  1.00 0.00 ? 9  G   A N7     1 
ATOM   248 C C5     . G   A 1 8 ? -0.060  -5.990  -8.444  1.00 0.00 ? 9  G   A C5     1 
ATOM   249 C C6     . G   A 1 8 ? -0.861  -6.764  -7.367  1.00 0.00 ? 9  G   A C6     1 
ATOM   250 O O6     . G   A 1 8 ? -2.057  -6.591  -7.152  1.00 0.00 ? 9  G   A O6     1 
ATOM   251 N N1     . G   A 1 8 ? -0.146  -7.682  -6.661  1.00 0.00 ? 9  G   A N1     1 
ATOM   252 C C2     . G   A 1 8 ? 1.271   -7.958  -6.917  1.00 0.00 ? 9  G   A C2     1 
ATOM   253 N N2     . G   A 1 8 ? 1.890   -9.014  -6.250  1.00 0.00 ? 9  G   A N2     1 
ATOM   254 N N3     . G   A 1 8 ? 1.940   -7.270  -7.779  1.00 0.00 ? 9  G   A N3     1 
ATOM   255 C C4     . G   A 1 8 ? 1.340   -6.251  -8.612  1.00 0.00 ? 9  G   A C4     1 
ATOM   256 H "H5'"  . G   A 1 8 ? 3.566   -2.256  -12.958 1.00 0.00 ? 9  G   A "H5'"  1 
ATOM   257 H "H5''" . G   A 1 8 ? 3.397   -3.498  -14.204 1.00 0.00 ? 9  G   A "H5''" 1 
ATOM   258 H "H4'"  . G   A 1 8 ? 4.866   -4.170  -12.262 1.00 0.00 ? 9  G   A "H4'"  1 
ATOM   259 H "H3'"  . G   A 1 8 ? 2.323   -5.831  -12.712 1.00 0.00 ? 9  G   A "H3'"  1 
ATOM   260 H "H2'"  . G   A 1 8 ? 3.092   -7.298  -10.930 1.00 0.00 ? 9  G   A "H2'"  1 
ATOM   261 H "HO2'" . G   A 1 8 ? 5.374   -6.734  -11.812 1.00 0.00 ? 9  G   A "HO2'" 1 
ATOM   262 H "H1'"  . G   A 1 8 ? 3.893   -5.241  -9.235  1.00 0.00 ? 9  G   A "H1'"  1 
ATOM   263 H H8     . G   A 1 8 ? 0.630   -4.076  -10.789 1.00 0.00 ? 9  G   A H8     1 
ATOM   264 H H1     . G   A 1 8 ? -0.687  -8.212  -5.971  1.00 0.00 ? 9  G   A H1     1 
ATOM   265 H H21    . G   A 1 8 ? 1.338   -9.581  -5.596  1.00 0.00 ? 9  G   A H21    1 
ATOM   266 H H22    . G   A 1 8 ? 2.881   -9.182  -6.438  1.00 0.00 ? 9  G   A H22    1 
ATOM   267 P P      . A   A 1 9 ? 3.769   -7.691  -14.270 1.00 0.00 ? 10 A   A P      1 
ATOM   268 O OP1    . A   A 1 9 ? 4.869   -8.085  -15.258 1.00 0.00 ? 10 A   A OP1    1 
ATOM   269 O OP2    . A   A 1 9 ? 2.475   -7.411  -15.034 1.00 0.00 ? 10 A   A OP2    1 
ATOM   270 O "O5'"  . A   A 1 9 ? 3.516   -8.906  -13.228 1.00 0.00 ? 10 A   A "O5'"  1 
ATOM   271 C "C5'"  . A   A 1 9 ? 4.590   -9.628  -12.595 1.00 0.00 ? 10 A   A "C5'"  1 
ATOM   272 C "C4'"  . A   A 1 9 ? 4.068   -10.547 -11.474 1.00 0.00 ? 10 A   A "C4'"  1 
ATOM   273 O "O4'"  . A   A 1 9 ? 3.353   -9.785  -10.482 1.00 0.00 ? 10 A   A "O4'"  1 
ATOM   274 C "C3'"  . A   A 1 9 ? 3.100   -11.644 -11.935 1.00 0.00 ? 10 A   A "C3'"  1 
ATOM   275 O "O3'"  . A   A 1 9 ? 3.781   -12.803 -12.401 1.00 0.00 ? 10 A   A "O3'"  1 
ATOM   276 C "C2'"  . A   A 1 9 ? 2.295   -11.934 -10.665 1.00 0.00 ? 10 A   A "C2'"  1 
ATOM   277 O "O2'"  . A   A 1 9 ? 2.976   -12.880 -9.838  1.00 0.00 ? 10 A   A "O2'"  1 
ATOM   278 C "C1'"  . A   A 1 9 ? 2.248   -10.558 -9.964  1.00 0.00 ? 10 A   A "C1'"  1 
ATOM   279 N N9     . A   A 1 9 ? 0.946   -9.854  -10.195 1.00 0.00 ? 10 A   A N9     1 
ATOM   280 C C8     . A   A 1 9 ? 0.597   -8.854  -11.101 1.00 0.00 ? 10 A   A C8     1 
ATOM   281 N N7     . A   A 1 9 ? -0.675  -8.328  -11.155 1.00 0.00 ? 10 A   A N7     1 
ATOM   282 C C5     . A   A 1 9 ? -1.229  -9.082  -10.127 1.00 0.00 ? 10 A   A C5     1 
ATOM   283 C C6     . A   A 1 9 ? -2.558  -9.038  -9.550  1.00 0.00 ? 10 A   A C6     1 
ATOM   284 N N6     . A   A 1 9 ? -3.488  -8.205  -10.000 1.00 0.00 ? 10 A   A N6     1 
ATOM   285 N N1     . A   A 1 9 ? -2.868  -9.817  -8.531  1.00 0.00 ? 10 A   A N1     1 
ATOM   286 C C2     . A   A 1 9 ? -1.967  -10.636 -8.033  1.00 0.00 ? 10 A   A C2     1 
ATOM   287 N N3     . A   A 1 9 ? -0.727  -10.824 -8.405  1.00 0.00 ? 10 A   A N3     1 
ATOM   288 C C4     . A   A 1 9 ? -0.269  -10.004 -9.531  1.00 0.00 ? 10 A   A C4     1 
ATOM   289 H "H5'"  . A   A 1 9 ? 5.327   -8.919  -12.174 1.00 0.00 ? 10 A   A "H5'"  1 
ATOM   290 H "H5''" . A   A 1 9 ? 5.136   -10.221 -13.352 1.00 0.00 ? 10 A   A "H5''" 1 
ATOM   291 H "H4'"  . A   A 1 9 ? 4.939   -11.016 -10.976 1.00 0.00 ? 10 A   A "H4'"  1 
ATOM   292 H "H3'"  . A   A 1 9 ? 2.425   -11.258 -12.724 1.00 0.00 ? 10 A   A "H3'"  1 
ATOM   293 H "HO3'" . A   A 1 9 ? 4.017   -13.285 -11.602 1.00 0.00 ? 10 A   A "HO3'" 1 
ATOM   294 H "H2'"  . A   A 1 9 ? 1.292   -12.331 -10.914 1.00 0.00 ? 10 A   A "H2'"  1 
ATOM   295 H "HO2'" . A   A 1 9 ? 2.445   -12.976 -9.044  1.00 0.00 ? 10 A   A "HO2'" 1 
ATOM   296 H "H1'"  . A   A 1 9 ? 2.392   -10.680 -8.872  1.00 0.00 ? 10 A   A "H1'"  1 
ATOM   297 H H8     . A   A 1 9 ? 1.359   -8.425  -11.738 1.00 0.00 ? 10 A   A H8     1 
ATOM   298 H H61    . A   A 1 9 ? -4.383  -8.212  -9.499  1.00 0.00 ? 10 A   A H61    1 
ATOM   299 H H62    . A   A 1 9 ? -3.210  -7.578  -10.763 1.00 0.00 ? 10 A   A H62    1 
ATOM   300 H H2     . A   A 1 9 ? -2.291  -11.226 -7.187  1.00 0.00 ? 10 A   A H2     1 
HETATM 301 C "C5'"  . 5PC B 2 1 ? -3.141  -13.115 0.666   1.00 0.00 ? 1  5PC B "C5'"  1 
HETATM 302 O "O5'"  . 5PC B 2 1 ? -4.137  -14.084 0.361   1.00 0.00 ? 1  5PC B "O5'"  1 
HETATM 303 C "C4'"  . 5PC B 2 1 ? -1.942  -13.286 -0.280  1.00 0.00 ? 1  5PC B "C4'"  1 
HETATM 304 O "O4'"  . 5PC B 2 1 ? -2.360  -13.153 -1.659  1.00 0.00 ? 1  5PC B "O4'"  1 
HETATM 305 C "C3'"  . 5PC B 2 1 ? -0.836  -12.242 -0.073  1.00 0.00 ? 1  5PC B "C3'"  1 
HETATM 306 O "O3'"  . 5PC B 2 1 ? 0.084   -12.627 0.959   1.00 0.00 ? 1  5PC B "O3'"  1 
HETATM 307 C "C2'"  . 5PC B 2 1 ? -0.182  -12.255 -1.447  1.00 0.00 ? 1  5PC B "C2'"  1 
HETATM 308 C "C1'"  . 5PC B 2 1 ? -1.365  -12.410 -2.407  1.00 0.00 ? 1  5PC B "C1'"  1 
HETATM 309 N N1     . 5PC B 2 1 ? -1.912  -11.126 -2.953  1.00 0.00 ? 1  5PC B N1     1 
HETATM 310 C C2     . 5PC B 2 1 ? -1.335  -10.524 -4.063  1.00 0.00 ? 1  5PC B C2     1 
HETATM 311 O O2     . 5PC B 2 1 ? -0.329  -10.995 -4.597  1.00 0.00 ? 1  5PC B O2     1 
HETATM 312 N N3     . 5PC B 2 1 ? -1.962  -9.306  -4.585  1.00 0.00 ? 1  5PC B N3     1 
HETATM 313 C C4     . 5PC B 2 1 ? -3.010  -8.769  -4.038  1.00 0.00 ? 1  5PC B C4     1 
HETATM 314 N N4     . 5PC B 2 1 ? -3.491  -7.589  -4.670  1.00 0.00 ? 1  5PC B N4     1 
HETATM 315 C C5     . 5PC B 2 1 ? -3.609  -9.311  -2.916  1.00 0.00 ? 1  5PC B C5     1 
HETATM 316 C C6     . 5PC B 2 1 ? -3.112  -10.459 -2.359  1.00 0.00 ? 1  5PC B C6     1 
HETATM 317 C C7     . 5PC B 2 1 ? -4.754  -8.750  -2.228  1.00 0.00 ? 1  5PC B C7     1 
HETATM 318 C C8     . 5PC B 2 1 ? -5.702  -8.277  -1.654  1.00 0.00 ? 1  5PC B C8     1 
HETATM 319 C C9     . 5PC B 2 1 ? -6.799  -7.727  -0.983  1.00 0.00 ? 1  5PC B C9     1 
HETATM 320 H "H5'"  . 5PC B 2 1 ? -2.822  -13.227 1.720   1.00 0.00 ? 1  5PC B "H5'"  1 
HETATM 321 H "H5''" . 5PC B 2 1 ? -3.572  -12.100 0.580   1.00 0.00 ? 1  5PC B "H5''" 1 
HETATM 322 H "H4'"  . 5PC B 2 1 ? -1.517  -14.300 -0.139  1.00 0.00 ? 1  5PC B "H4'"  1 
HETATM 323 H "H3'"  . 5PC B 2 1 ? -1.275  -11.243 0.131   1.00 0.00 ? 1  5PC B "H3'"  1 
HETATM 324 H "H2'"  . 5PC B 2 1 ? 0.432   -11.372 -1.660  1.00 0.00 ? 1  5PC B "H2'"  1 
HETATM 325 H "H2''" . 5PC B 2 1 ? 0.495   -13.126 -1.536  1.00 0.00 ? 1  5PC B "H2''" 1 
HETATM 326 H "H1'"  . 5PC B 2 1 ? -1.016  -13.032 -3.247  1.00 0.00 ? 1  5PC B "H1'"  1 
HETATM 327 H H41    . 5PC B 2 1 ? -4.295  -7.097  -4.269  1.00 0.00 ? 1  5PC B H41    1 
HETATM 328 H H42    . 5PC B 2 1 ? -2.994  -7.232  -5.497  1.00 0.00 ? 1  5PC B H42    1 
HETATM 329 H H6     . 5PC B 2 1 ? -3.569  -10.908 -1.474  1.00 0.00 ? 1  5PC B H6     1 
HETATM 330 H H91    . 5PC B 2 1 ? -7.684  -8.383  -1.062  1.00 0.00 ? 1  5PC B H91    1 
HETATM 331 H H92    . 5PC B 2 1 ? -6.573  -7.585  0.091   1.00 0.00 ? 1  5PC B H92    1 
HETATM 332 H H93    . 5PC B 2 1 ? -7.066  -6.741  -1.405  1.00 0.00 ? 1  5PC B H93    1 
HETATM 333 H "HO5'" . 5PC B 2 1 ? -4.246  -14.052 -0.594  1.00 0.00 ? 1  5PC B "HO5'" 1 
HETATM 334 P P      . 5PC B 2 2 ? 0.914   -11.537 1.823   1.00 0.00 ? 2  5PC B P      1 
HETATM 335 O OP1    . 5PC B 2 2 ? 1.685   -12.255 2.932   1.00 0.00 ? 2  5PC B OP1    1 
HETATM 336 O OP2    . 5PC B 2 2 ? -0.063  -10.538 2.444   1.00 0.00 ? 2  5PC B OP2    1 
HETATM 337 C "C5'"  . 5PC B 2 2 ? 3.090   -11.389 0.261   1.00 0.00 ? 2  5PC B "C5'"  1 
HETATM 338 O "O5'"  . 5PC B 2 2 ? 1.949   -10.747 0.859   1.00 0.00 ? 2  5PC B "O5'"  1 
HETATM 339 C "C4'"  . 5PC B 2 2 ? 3.656   -10.569 -0.915  1.00 0.00 ? 2  5PC B "C4'"  1 
HETATM 340 O "O4'"  . 5PC B 2 2 ? 2.657   -10.386 -1.940  1.00 0.00 ? 2  5PC B "O4'"  1 
HETATM 341 C "C3'"  . 5PC B 2 2 ? 4.165   -9.167  -0.551  1.00 0.00 ? 2  5PC B "C3'"  1 
HETATM 342 O "O3'"  . 5PC B 2 2 ? 5.526   -9.213  -0.087  1.00 0.00 ? 2  5PC B "O3'"  1 
HETATM 343 C "C2'"  . 5PC B 2 2 ? 4.040   -8.465  -1.900  1.00 0.00 ? 2  5PC B "C2'"  1 
HETATM 344 C "C1'"  . 5PC B 2 2 ? 2.787   -9.078  -2.541  1.00 0.00 ? 2  5PC B "C1'"  1 
HETATM 345 N N1     . 5PC B 2 2 ? 1.552   -8.243  -2.381  1.00 0.00 ? 2  5PC B N1     1 
HETATM 346 C C2     . 5PC B 2 2 ? 1.367   -7.108  -3.156  1.00 0.00 ? 2  5PC B C2     1 
HETATM 347 O O2     . 5PC B 2 2 ? 2.215   -6.747  -3.975  1.00 0.00 ? 2  5PC B O2     1 
HETATM 348 N N3     . 5PC B 2 2 ? 0.139   -6.334  -2.959  1.00 0.00 ? 2  5PC B N3     1 
HETATM 349 C C4     . 5PC B 2 2 ? -0.740  -6.636  -2.053  1.00 0.00 ? 2  5PC B C4     1 
HETATM 350 N N4     . 5PC B 2 2 ? -1.855  -5.757  -1.976  1.00 0.00 ? 2  5PC B N4     1 
HETATM 351 C C5     . 5PC B 2 2 ? -0.595  -7.740  -1.234  1.00 0.00 ? 2  5PC B C5     1 
HETATM 352 C C6     . 5PC B 2 2 ? 0.490   -8.563  -1.376  1.00 0.00 ? 2  5PC B C6     1 
HETATM 353 C C7     . 5PC B 2 2 ? -1.522  -8.136  -0.195  1.00 0.00 ? 2  5PC B C7     1 
HETATM 354 C C8     . 5PC B 2 2 ? -2.291  -8.472  0.668   1.00 0.00 ? 2  5PC B C8     1 
HETATM 355 C C9     . 5PC B 2 2 ? -3.183  -8.869  1.670   1.00 0.00 ? 2  5PC B C9     1 
HETATM 356 H "H5'"  . 5PC B 2 2 ? 2.810   -12.396 -0.102  1.00 0.00 ? 2  5PC B "H5'"  1 
HETATM 357 H "H5''" . 5PC B 2 2 ? 3.871   -11.546 1.029   1.00 0.00 ? 2  5PC B "H5''" 1 
HETATM 358 H "H4'"  . 5PC B 2 2 ? 4.492   -11.144 -1.357  1.00 0.00 ? 2  5PC B "H4'"  1 
HETATM 359 H "H3'"  . 5PC B 2 2 ? 3.499   -8.688  0.196   1.00 0.00 ? 2  5PC B "H3'"  1 
HETATM 360 H "H2'"  . 5PC B 2 2 ? 4.001   -7.370  -1.813  1.00 0.00 ? 2  5PC B "H2'"  1 
HETATM 361 H "H2''" . 5PC B 2 2 ? 4.925   -8.682  -2.524  1.00 0.00 ? 2  5PC B "H2''" 1 
HETATM 362 H "H1'"  . 5PC B 2 2 ? 2.978   -9.225  -3.622  1.00 0.00 ? 2  5PC B "H1'"  1 
HETATM 363 H H41    . 5PC B 2 2 ? -2.573  -5.911  -1.261  1.00 0.00 ? 2  5PC B H41    1 
HETATM 364 H H42    . 5PC B 2 2 ? -1.897  -4.975  -2.642  1.00 0.00 ? 2  5PC B H42    1 
HETATM 365 H H6     . 5PC B 2 2 ? 0.597   -9.465  -0.774  1.00 0.00 ? 2  5PC B H6     1 
HETATM 366 H H91    . 5PC B 2 2 ? -3.468  -8.014  2.309   1.00 0.00 ? 2  5PC B H91    1 
HETATM 367 H H92    . 5PC B 2 2 ? -4.104  -9.295  1.235   1.00 0.00 ? 2  5PC B H92    1 
HETATM 368 H H93    . 5PC B 2 2 ? -2.721  -9.638  2.317   1.00 0.00 ? 2  5PC B H93    1 
HETATM 369 P P      . PDU B 2 3 ? 6.252   -7.979  0.679   1.00 0.00 ? 3  PDU B P      1 
HETATM 370 O OP2    . PDU B 2 3 ? 5.346   -7.458  1.796   1.00 0.00 ? 3  PDU B OP2    1 
HETATM 371 O OP1    . PDU B 2 3 ? 7.571   -8.469  1.278   1.00 0.00 ? 3  PDU B OP1    1 
HETATM 372 O "O5'"  . PDU B 2 3 ? 6.552   -6.777  -0.360  1.00 0.00 ? 3  PDU B "O5'"  1 
HETATM 373 C "C5'"  . PDU B 2 3 ? 7.366   -6.943  -1.535  1.00 0.00 ? 3  PDU B "C5'"  1 
HETATM 374 C "C4'"  . PDU B 2 3 ? 7.242   -5.723  -2.473  1.00 0.00 ? 3  PDU B "C4'"  1 
HETATM 375 O "O4'"  . PDU B 2 3 ? 5.850   -5.489  -2.787  1.00 0.00 ? 3  PDU B "O4'"  1 
HETATM 376 C "C3'"  . PDU B 2 3 ? 7.816   -4.411  -1.901  1.00 0.00 ? 3  PDU B "C3'"  1 
HETATM 377 O "O3'"  . PDU B 2 3 ? 8.586   -3.740  -2.918  1.00 0.00 ? 3  PDU B "O3'"  1 
HETATM 378 C "C2'"  . PDU B 2 3 ? 6.569   -3.613  -1.528  1.00 0.00 ? 3  PDU B "C2'"  1 
HETATM 379 C "C1'"  . PDU B 2 3 ? 5.502   -4.120  -2.504  1.00 0.00 ? 3  PDU B "C1'"  1 
HETATM 380 N N1     . PDU B 2 3 ? 4.114   -4.018  -1.961  1.00 0.00 ? 3  PDU B N1     1 
HETATM 381 C C2     . PDU B 2 3 ? 3.216   -3.098  -2.480  1.00 0.00 ? 3  PDU B C2     1 
HETATM 382 O O2     . PDU B 2 3 ? 3.509   -2.305  -3.375  1.00 0.00 ? 3  PDU B O2     1 
HETATM 383 N N3     . PDU B 2 3 ? 1.947   -3.024  -1.997  1.00 0.00 ? 3  PDU B N3     1 
HETATM 384 C C4     . PDU B 2 3 ? 1.454   -3.790  -0.989  1.00 0.00 ? 3  PDU B C4     1 
HETATM 385 O O4     . PDU B 2 3 ? 0.293   -3.622  -0.617  1.00 0.00 ? 3  PDU B O4     1 
HETATM 386 C C5     . PDU B 2 3 ? 2.418   -4.842  -0.367  1.00 0.00 ? 3  PDU B C5     1 
HETATM 387 C C5A    . PDU B 2 3 ? 2.008   -5.742  0.671   1.00 0.00 ? 3  PDU B C5A    1 
HETATM 388 C C5B    . PDU B 2 3 ? 1.669   -6.506  1.538   1.00 0.00 ? 3  PDU B C5B    1 
HETATM 389 C C5M    . PDU B 2 3 ? 1.280   -7.401  2.541   1.00 0.00 ? 3  PDU B C5M    1 
HETATM 390 C C6     . PDU B 2 3 ? 3.683   -4.913  -0.849  1.00 0.00 ? 3  PDU B C6     1 
HETATM 391 H "H5'"  . PDU B 2 3 ? 7.061   -7.855  -2.079  1.00 0.00 ? 3  PDU B "H5'"  1 
HETATM 392 H "H5''" . PDU B 2 3 ? 8.421   -7.102  -1.242  1.00 0.00 ? 3  PDU B "H5''" 1 
HETATM 393 H "H4'"  . PDU B 2 3 ? 7.775   -5.973  -3.410  1.00 0.00 ? 3  PDU B "H4'"  1 
HETATM 394 H "H3'"  . PDU B 2 3 ? 8.452   -4.589  -1.011  1.00 0.00 ? 3  PDU B "H3'"  1 
HETATM 395 H "H2''" . PDU B 2 3 ? 6.717   -2.522  -1.599  1.00 0.00 ? 3  PDU B "H2''" 1 
HETATM 396 H "H2'"  . PDU B 2 3 ? 6.299   -3.836  -0.478  1.00 0.00 ? 3  PDU B "H2'"  1 
HETATM 397 H "H1'"  . PDU B 2 3 ? 5.607   -3.557  -3.455  1.00 0.00 ? 3  PDU B "H1'"  1 
HETATM 398 H H3     . PDU B 2 3 ? 1.331   -2.317  -2.410  1.00 0.00 ? 3  PDU B H3     1 
HETATM 399 H H71    . PDU B 2 3 ? 0.231   -7.721  2.406   1.00 0.00 ? 3  PDU B H71    1 
HETATM 400 H H72    . PDU B 2 3 ? 1.911   -8.309  2.521   1.00 0.00 ? 3  PDU B H72    1 
HETATM 401 H H73    . PDU B 2 3 ? 1.374   -6.943  3.542   1.00 0.00 ? 3  PDU B H73    1 
HETATM 402 H H6     . PDU B 2 3 ? 4.397   -5.629  -0.438  1.00 0.00 ? 3  PDU B H6     1 
HETATM 403 P P      . 5PC B 2 4 ? 9.550   -2.471  -2.611  1.00 0.00 ? 4  5PC B P      1 
HETATM 404 O OP1    . 5PC B 2 4 ? 10.611  -2.368  -3.708  1.00 0.00 ? 4  5PC B OP1    1 
HETATM 405 O OP2    . 5PC B 2 4 ? 10.242  -2.661  -1.258  1.00 0.00 ? 4  5PC B OP2    1 
HETATM 406 C "C5'"  . 5PC B 2 4 ? 8.195   -0.488  -3.788  1.00 0.00 ? 4  5PC B "C5'"  1 
HETATM 407 O "O5'"  . 5PC B 2 4 ? 8.660   -1.119  -2.580  1.00 0.00 ? 4  5PC B "O5'"  1 
HETATM 408 C "C4'"  . 5PC B 2 4 ? 7.076   0.535   -3.520  1.00 0.00 ? 4  5PC B "C4'"  1 
HETATM 409 O "O4'"  . 5PC B 2 4 ? 5.892   -0.118  -3.027  1.00 0.00 ? 4  5PC B "O4'"  1 
HETATM 410 C "C3'"  . 5PC B 2 4 ? 7.395   1.619   -2.480  1.00 0.00 ? 4  5PC B "C3'"  1 
HETATM 411 O "O3'"  . 5PC B 2 4 ? 8.061   2.755   -3.064  1.00 0.00 ? 4  5PC B "O3'"  1 
HETATM 412 C "C2'"  . 5PC B 2 4 ? 6.013   1.971   -1.927  1.00 0.00 ? 4  5PC B "C2'"  1 
HETATM 413 C "C1'"  . 5PC B 2 4 ? 5.052   0.908   -2.466  1.00 0.00 ? 4  5PC B "C1'"  1 
HETATM 414 N N1     . 5PC B 2 4 ? 4.141   0.391   -1.408  1.00 0.00 ? 4  5PC B N1     1 
HETATM 415 C C2     . 5PC B 2 4 ? 2.832   0.825   -1.312  1.00 0.00 ? 4  5PC B C2     1 
HETATM 416 O O2     . 5PC B 2 4 ? 2.381   1.679   -2.077  1.00 0.00 ? 4  5PC B O2     1 
HETATM 417 N N3     . 5PC B 2 4 ? 2.000   0.247   -0.252  1.00 0.00 ? 4  5PC B N3     1 
HETATM 418 C C4     . 5PC B 2 4 ? 2.456   -0.628  0.594   1.00 0.00 ? 4  5PC B C4     1 
HETATM 419 N N4     . 5PC B 2 4 ? 1.510   -1.099  1.542   1.00 0.00 ? 4  5PC B N4     1 
HETATM 420 C C5     . 5PC B 2 4 ? 3.770   -1.067  0.557   1.00 0.00 ? 4  5PC B C5     1 
HETATM 421 C C6     . 5PC B 2 4 ? 4.631   -0.573  -0.387  1.00 0.00 ? 4  5PC B C6     1 
HETATM 422 C C7     . 5PC B 2 4 ? 4.346   -2.059  1.437   1.00 0.00 ? 4  5PC B C7     1 
HETATM 423 C C8     . 5PC B 2 4 ? 4.823   -2.896  2.161   1.00 0.00 ? 4  5PC B C8     1 
HETATM 424 C C9     . 5PC B 2 4 ? 5.377   -3.873  2.994   1.00 0.00 ? 4  5PC B C9     1 
HETATM 425 H "H5'"  . 5PC B 2 4 ? 7.826   -1.252  -4.499  1.00 0.00 ? 4  5PC B "H5'"  1 
HETATM 426 H "H5''" . 5PC B 2 4 ? 9.047   0.010   -4.289  1.00 0.00 ? 4  5PC B "H5''" 1 
HETATM 427 H "H4'"  . 5PC B 2 4 ? 6.830   1.022   -4.484  1.00 0.00 ? 4  5PC B "H4'"  1 
HETATM 428 H "H3'"  . 5PC B 2 4 ? 8.016   1.194   -1.665  1.00 0.00 ? 4  5PC B "H3'"  1 
HETATM 429 H "H2'"  . 5PC B 2 4 ? 6.068   2.000   -0.826  1.00 0.00 ? 4  5PC B "H2'"  1 
HETATM 430 H "H2''" . 5PC B 2 4 ? 5.667   2.964   -2.245  1.00 0.00 ? 4  5PC B "H2''" 1 
HETATM 431 H "H1'"  . 5PC B 2 4 ? 4.471   1.341   -3.307  1.00 0.00 ? 4  5PC B "H1'"  1 
HETATM 432 H H41    . 5PC B 2 4 ? 1.791   -1.801  2.236   1.00 0.00 ? 4  5PC B H41    1 
HETATM 433 H H42    . 5PC B 2 4 ? 0.551   -0.734  1.484   1.00 0.00 ? 4  5PC B H42    1 
HETATM 434 H H6     . 5PC B 2 4 ? 5.687   -0.847  -0.435  1.00 0.00 ? 4  5PC B H6     1 
HETATM 435 H H91    . 5PC B 2 4 ? 4.931   -3.836  4.003   1.00 0.00 ? 4  5PC B H91    1 
HETATM 436 H H92    . 5PC B 2 4 ? 5.200   -4.885  2.582   1.00 0.00 ? 4  5PC B H92    1 
HETATM 437 H H93    . 5PC B 2 4 ? 6.469   -3.738  3.095   1.00 0.00 ? 4  5PC B H93    1 
HETATM 438 P P      . 5PC B 2 5 ? 8.503   4.059   -2.195  1.00 0.00 ? 5  5PC B P      1 
HETATM 439 O OP1    . 5PC B 2 5 ? 9.552   4.855   -2.975  1.00 0.00 ? 5  5PC B OP1    1 
HETATM 440 O OP2    . 5PC B 2 5 ? 9.093   3.614   -0.855  1.00 0.00 ? 5  5PC B OP2    1 
HETATM 441 C "C5'"  . 5PC B 2 5 ? 6.558   5.714   -2.991  1.00 0.00 ? 5  5PC B "C5'"  1 
HETATM 442 O "O5'"  . 5PC B 2 5 ? 7.203   4.991   -1.926  1.00 0.00 ? 5  5PC B "O5'"  1 
HETATM 443 C "C4'"  . 5PC B 2 5 ? 5.196   6.293   -2.566  1.00 0.00 ? 5  5PC B "C4'"  1 
HETATM 444 O "O4'"  . 5PC B 2 5 ? 4.249   5.250   -2.261  1.00 0.00 ? 5  5PC B "O4'"  1 
HETATM 445 C "C3'"  . 5PC B 2 5 ? 5.221   7.220   -1.345  1.00 0.00 ? 5  5PC B "C3'"  1 
HETATM 446 O "O3'"  . 5PC B 2 5 ? 5.632   8.559   -1.699  1.00 0.00 ? 5  5PC B "O3'"  1 
HETATM 447 C "C2'"  . 5PC B 2 5 ? 3.769   7.134   -0.883  1.00 0.00 ? 5  5PC B "C2'"  1 
HETATM 448 C "C1'"  . 5PC B 2 5 ? 3.271   5.753   -1.321  1.00 0.00 ? 5  5PC B "C1'"  1 
HETATM 449 N N1     . 5PC B 2 5 ? 3.076   4.806   -0.184  1.00 0.00 ? 5  5PC B N1     1 
HETATM 450 C C2     . 5PC B 2 5 ? 1.840   4.657   0.421   1.00 0.00 ? 5  5PC B C2     1 
HETATM 451 O O2     . 5PC B 2 5 ? 0.867   5.328   0.071   1.00 0.00 ? 5  5PC B O2     1 
HETATM 452 N N3     . 5PC B 2 5 ? 1.730   3.690   1.516   1.00 0.00 ? 5  5PC B N3     1 
HETATM 453 C C4     . 5PC B 2 5 ? 2.748   3.016   1.956   1.00 0.00 ? 5  5PC B C4     1 
HETATM 454 N N4     . 5PC B 2 5 ? 2.466   2.141   3.041   1.00 0.00 ? 5  5PC B N4     1 
HETATM 455 C C5     . 5PC B 2 5 ? 4.010   3.147   1.401   1.00 0.00 ? 5  5PC B C5     1 
HETATM 456 C C6     . 5PC B 2 5 ? 4.216   4.018   0.362   1.00 0.00 ? 5  5PC B C6     1 
HETATM 457 C C7     . 5PC B 2 5 ? 5.182   2.411   1.821   1.00 0.00 ? 5  5PC B C7     1 
HETATM 458 C C8     . 5PC B 2 5 ? 6.158   1.792   2.162   1.00 0.00 ? 5  5PC B C8     1 
HETATM 459 C C9     . 5PC B 2 5 ? 7.290   1.070   2.551   1.00 0.00 ? 5  5PC B C9     1 
HETATM 460 H "H5'"  . 5PC B 2 5 ? 6.415   5.051   -3.866  1.00 0.00 ? 5  5PC B "H5'"  1 
HETATM 461 H "H5''" . 5PC B 2 5 ? 7.223   6.531   -3.333  1.00 0.00 ? 5  5PC B "H5''" 1 
HETATM 462 H "H4'"  . 5PC B 2 5 ? 4.793   6.856   -3.424  1.00 0.00 ? 5  5PC B "H4'"  1 
HETATM 463 H "H3'"  . 5PC B 2 5 ? 5.887   6.810   -0.559  1.00 0.00 ? 5  5PC B "H3'"  1 
HETATM 464 H "H2'"  . 5PC B 2 5 ? 3.704   7.302   0.202   1.00 0.00 ? 5  5PC B "H2'"  1 
HETATM 465 H "H2''" . 5PC B 2 5 ? 3.156   7.919   -1.364  1.00 0.00 ? 5  5PC B "H2''" 1 
HETATM 466 H "H1'"  . 5PC B 2 5 ? 2.317   5.900   -1.860  1.00 0.00 ? 5  5PC B "H1'"  1 
HETATM 467 H H41    . 5PC B 2 5 ? 3.221   1.578   3.446   1.00 0.00 ? 5  5PC B H41    1 
HETATM 468 H H42    . 5PC B 2 5 ? 1.493   2.073   3.361   1.00 0.00 ? 5  5PC B H42    1 
HETATM 469 H H6     . 5PC B 2 5 ? 5.196   4.173   -0.104  1.00 0.00 ? 5  5PC B H6     1 
HETATM 470 H H91    . 5PC B 2 5 ? 7.577   1.308   3.591   1.00 0.00 ? 5  5PC B H91    1 
HETATM 471 H H92    . 5PC B 2 5 ? 7.105   -0.018  2.486   1.00 0.00 ? 5  5PC B H92    1 
HETATM 472 H H93    . 5PC B 2 5 ? 8.149   1.307   1.896   1.00 0.00 ? 5  5PC B H93    1 
HETATM 473 P P      . PDU B 2 6 ? 5.436   9.849   -0.729  1.00 0.00 ? 6  PDU B P      1 
HETATM 474 O OP2    . PDU B 2 6 ? 5.766   9.466   0.718   1.00 0.00 ? 6  PDU B OP2    1 
HETATM 475 O OP1    . PDU B 2 6 ? 6.359   10.982  -1.181  1.00 0.00 ? 6  PDU B OP1    1 
HETATM 476 O "O5'"  . PDU B 2 6 ? 3.896   10.342  -0.819  1.00 0.00 ? 6  PDU B "O5'"  1 
HETATM 477 C "C5'"  . PDU B 2 6 ? 3.341   11.307  0.085   1.00 0.00 ? 6  PDU B "C5'"  1 
HETATM 478 C "C4'"  . PDU B 2 6 ? 1.802   11.369  -0.059  1.00 0.00 ? 6  PDU B "C4'"  1 
HETATM 479 O "O4'"  . PDU B 2 6 ? 1.239   10.044  0.084   1.00 0.00 ? 6  PDU B "O4'"  1 
HETATM 480 C "C3'"  . PDU B 2 6 ? 1.142   12.250  1.019   1.00 0.00 ? 6  PDU B "C3'"  1 
HETATM 481 O "O3'"  . PDU B 2 6 ? -0.016  12.928  0.492   1.00 0.00 ? 6  PDU B "O3'"  1 
HETATM 482 C "C2'"  . PDU B 2 6 ? 0.740   11.229  2.074   1.00 0.00 ? 6  PDU B "C2'"  1 
HETATM 483 C "C1'"  . PDU B 2 6 ? 0.427   9.960   1.274   1.00 0.00 ? 6  PDU B "C1'"  1 
HETATM 484 N N1     . PDU B 2 6 ? 0.716   8.725   2.062   1.00 0.00 ? 6  PDU B N1     1 
HETATM 485 C C2     . PDU B 2 6 ? -0.295  8.065   2.744   1.00 0.00 ? 6  PDU B C2     1 
HETATM 486 O O2     . PDU B 2 6 ? -1.470  8.433   2.716   1.00 0.00 ? 6  PDU B O2     1 
HETATM 487 N N3     . PDU B 2 6 ? -0.015  6.968   3.500   1.00 0.00 ? 6  PDU B N3     1 
HETATM 488 C C4     . PDU B 2 6 ? 1.230   6.448   3.677   1.00 0.00 ? 6  PDU B C4     1 
HETATM 489 O O4     . PDU B 2 6 ? 1.379   5.460   4.394   1.00 0.00 ? 6  PDU B O4     1 
HETATM 490 C C5     . PDU B 2 6 ? 2.405   7.166   2.949   1.00 0.00 ? 6  PDU B C5     1 
HETATM 491 C C5A    . PDU B 2 6 ? 3.759   6.712   3.068   1.00 0.00 ? 6  PDU B C5A    1 
HETATM 492 C C5B    . PDU B 2 6 ? 4.897   6.329   3.158   1.00 0.00 ? 6  PDU B C5B    1 
HETATM 493 C C5M    . PDU B 2 6 ? 6.220   5.884   3.255   1.00 0.00 ? 6  PDU B C5M    1 
HETATM 494 C C6     . PDU B 2 6 ? 2.119   8.246   2.181   1.00 0.00 ? 6  PDU B C6     1 
HETATM 495 H "H5'"  . PDU B 2 6 ? 3.789   12.299  -0.109  1.00 0.00 ? 6  PDU B "H5'"  1 
HETATM 496 H "H5''" . PDU B 2 6 ? 3.616   11.041  1.124   1.00 0.00 ? 6  PDU B "H5''" 1 
HETATM 497 H "H4'"  . PDU B 2 6 ? 1.562   11.757  -1.067  1.00 0.00 ? 6  PDU B "H4'"  1 
HETATM 498 H "H3'"  . PDU B 2 6 ? 1.855   12.986  1.437   1.00 0.00 ? 6  PDU B "H3'"  1 
HETATM 499 H "H2''" . PDU B 2 6 ? -0.114  11.550  2.691   1.00 0.00 ? 6  PDU B "H2''" 1 
HETATM 500 H "H2'"  . PDU B 2 6 ? 1.593   11.076  2.760   1.00 0.00 ? 6  PDU B "H2'"  1 
HETATM 501 H "H1'"  . PDU B 2 6 ? -0.633  9.990   0.949   1.00 0.00 ? 6  PDU B "H1'"  1 
HETATM 502 H H3     . PDU B 2 6 ? -0.796  6.509   3.978   1.00 0.00 ? 6  PDU B H3     1 
HETATM 503 H H71    . PDU B 2 6 ? 6.650   5.715   2.250   1.00 0.00 ? 6  PDU B H71    1 
HETATM 504 H H72    . PDU B 2 6 ? 6.852   6.627   3.774   1.00 0.00 ? 6  PDU B H72    1 
HETATM 505 H H73    . PDU B 2 6 ? 6.278   4.931   3.812   1.00 0.00 ? 6  PDU B H73    1 
HETATM 506 H H6     . PDU B 2 6 ? 2.897   8.786   1.635   1.00 0.00 ? 6  PDU B H6     1 
HETATM 507 P P      . PDU B 2 7 ? -0.733  14.162  1.270   1.00 0.00 ? 7  PDU B P      1 
HETATM 508 O OP2    . PDU B 2 7 ? 0.328   15.168  1.721   1.00 0.00 ? 7  PDU B OP2    1 
HETATM 509 O OP1    . PDU B 2 7 ? -1.717  14.857  0.326   1.00 0.00 ? 7  PDU B OP1    1 
HETATM 510 O "O5'"  . PDU B 2 7 ? -1.527  13.606  2.569   1.00 0.00 ? 7  PDU B "O5'"  1 
HETATM 511 C "C5'"  . PDU B 2 7 ? -2.761  12.872  2.455   1.00 0.00 ? 7  PDU B "C5'"  1 
HETATM 512 C "C4'"  . PDU B 2 7 ? -3.155  12.182  3.777   1.00 0.00 ? 7  PDU B "C4'"  1 
HETATM 513 O "O4'"  . PDU B 2 7 ? -2.248  11.107  4.077   1.00 0.00 ? 7  PDU B "O4'"  1 
HETATM 514 C "C3'"  . PDU B 2 7 ? -3.190  13.089  5.028   1.00 0.00 ? 7  PDU B "C3'"  1 
HETATM 515 O "O3'"  . PDU B 2 7 ? -4.524  13.224  5.508   1.00 0.00 ? 7  PDU B "O3'"  1 
HETATM 516 C "C2'"  . PDU B 2 7 ? -2.331  12.348  6.057   1.00 0.00 ? 7  PDU B "C2'"  1 
HETATM 517 C "C1'"  . PDU B 2 7 ? -2.249  10.923  5.500   1.00 0.00 ? 7  PDU B "C1'"  1 
HETATM 518 N N1     . PDU B 2 7 ? -1.054  10.144  5.943   1.00 0.00 ? 7  PDU B N1     1 
HETATM 519 C C2     . PDU B 2 7 ? -1.210  8.981   6.684   1.00 0.00 ? 7  PDU B C2     1 
HETATM 520 O O2     . PDU B 2 7 ? -2.303  8.584   7.087   1.00 0.00 ? 7  PDU B O2     1 
HETATM 521 N N3     . PDU B 2 7 ? -0.133  8.215   6.998   1.00 0.00 ? 7  PDU B N3     1 
HETATM 522 C C4     . PDU B 2 7 ? 1.147   8.481   6.633   1.00 0.00 ? 7  PDU B C4     1 
HETATM 523 O O4     . PDU B 2 7 ? 2.044   7.712   6.978   1.00 0.00 ? 7  PDU B O4     1 
HETATM 524 C C5     . PDU B 2 7 ? 1.380   9.765   5.781   1.00 0.00 ? 7  PDU B C5     1 
HETATM 525 C C5A    . PDU B 2 7 ? 2.679   10.089  5.267   1.00 0.00 ? 7  PDU B C5A    1 
HETATM 526 C C5B    . PDU B 2 7 ? 3.768   10.354  4.825   1.00 0.00 ? 7  PDU B C5B    1 
HETATM 527 C C5M    . PDU B 2 7 ? 5.030   10.656  4.301   1.00 0.00 ? 7  PDU B C5M    1 
HETATM 528 C C6     . PDU B 2 7 ? 0.309   10.550  5.495   1.00 0.00 ? 7  PDU B C6     1 
HETATM 529 H "H5'"  . PDU B 2 7 ? -2.679  12.110  1.656   1.00 0.00 ? 7  PDU B "H5'"  1 
HETATM 530 H "H5''" . PDU B 2 7 ? -3.565  13.561  2.135   1.00 0.00 ? 7  PDU B "H5''" 1 
HETATM 531 H "H4'"  . PDU B 2 7 ? -4.154  11.733  3.623   1.00 0.00 ? 7  PDU B "H4'"  1 
HETATM 532 H "H3'"  . PDU B 2 7 ? -2.765  14.092  4.827   1.00 0.00 ? 7  PDU B "H3'"  1 
HETATM 533 H H2     . PDU B 2 7 ? -4.467  13.754  6.308   1.00 0.00 ? 7  PDU B H2     1 
HETATM 534 H "H2''" . PDU B 2 7 ? -2.741  12.375  7.082   1.00 0.00 ? 7  PDU B "H2''" 1 
HETATM 535 H "H2'"  . PDU B 2 7 ? -1.330  12.817  6.098   1.00 0.00 ? 7  PDU B "H2'"  1 
HETATM 536 H "H1'"  . PDU B 2 7 ? -3.190  10.395  5.765   1.00 0.00 ? 7  PDU B "H1'"  1 
HETATM 537 H H3     . PDU B 2 7 ? -0.304  7.367   7.550   1.00 0.00 ? 7  PDU B H3     1 
HETATM 538 H H71    . PDU B 2 7 ? 5.831   10.375  5.008   1.00 0.00 ? 7  PDU B H71    1 
HETATM 539 H H72    . PDU B 2 7 ? 5.204   10.107  3.356   1.00 0.00 ? 7  PDU B H72    1 
HETATM 540 H H73    . PDU B 2 7 ? 5.124   11.736  4.085   1.00 0.00 ? 7  PDU B H73    1 
HETATM 541 H H6     . PDU B 2 7 ? 0.411   11.478  4.929   1.00 0.00 ? 7  PDU B H6     1 
# 
